data_9B4F
#
_entry.id   9B4F
#
_cell.length_a   1.00
_cell.length_b   1.00
_cell.length_c   1.00
_cell.angle_alpha   90.00
_cell.angle_beta   90.00
_cell.angle_gamma   90.00
#
_symmetry.space_group_name_H-M   'P 1'
#
loop_
_entity.id
_entity.type
_entity.pdbx_description
1 polymer 'Phosphatidylserine synthase 1'
2 non-polymer 'CALCIUM ION'
#
_entity_poly.entity_id   1
_entity_poly.type   'polypeptide(L)'
_entity_poly.pdbx_seq_one_letter_code
;MASCVGSRTLSKDDVNYKMHFRMINEQQVEDITIDFFYRPHTITLLSFTIVSLMYFAFTRDDSVPEDNIWRGILSVIFFF
LIISVLAFPNGPFTRPHPALWRMVFGLSVLYFLFLVFLLFLNFEQVKSLMYWLDPNLRYATREADVMEYAVNCHVITWER
IISHFDIFAFGHFWGWAMKALLIRSYGLCWTISITWELTELFFMHLLPNFAECWWDQVILDILLCNGGGIWLGMVVCRFL
EMRTYHWASFKDIHTTTGKIKRAVLQFTSASWTYVRWFDPKSSFQRVAGVYLFMIIWQLTELNTFFLKHIFVFQASHPLS
WGRILFIGGITAPTVRQYYAYLTDTQCKRVGTQCWVFGVIGFLEAIVCIKFGQDLFSKTQILYVVLWLLCVAFTTFLCLY
GMIWYAEHYGHREKTYSECEDGTYSPEISWHHRKGTKGSEDSPPKHAGNNESHSSRRRNRHSKSKVTNGVGKKDYKDDDD
K
;
_entity_poly.pdbx_strand_id   A,B
#
loop_
_chem_comp.id
_chem_comp.type
_chem_comp.name
_chem_comp.formula
CA non-polymer 'CALCIUM ION' 'Ca 2'
#
# COMPACT_ATOMS: atom_id res chain seq x y z
N PRO A 40 21.39 -7.84 9.84
CA PRO A 40 20.64 -6.59 9.83
C PRO A 40 20.00 -6.30 8.48
N HIS A 41 18.90 -6.99 8.17
CA HIS A 41 18.21 -6.78 6.90
C HIS A 41 17.50 -5.44 6.87
N THR A 42 16.56 -5.22 7.80
CA THR A 42 15.80 -3.99 7.80
C THR A 42 16.67 -2.79 8.16
N ILE A 43 17.68 -3.01 9.01
CA ILE A 43 18.54 -1.91 9.44
C ILE A 43 19.31 -1.34 8.26
N THR A 44 19.84 -2.22 7.41
CA THR A 44 20.61 -1.75 6.26
C THR A 44 19.69 -1.33 5.11
N LEU A 45 18.51 -1.94 5.02
CA LEU A 45 17.61 -1.67 3.90
C LEU A 45 16.78 -0.41 4.10
N LEU A 46 16.56 0.02 5.35
CA LEU A 46 15.73 1.17 5.65
C LEU A 46 16.53 2.33 6.22
N SER A 47 17.84 2.35 6.00
CA SER A 47 18.66 3.47 6.44
C SER A 47 19.53 3.97 5.30
N PHE A 48 19.85 3.09 4.34
CA PHE A 48 20.55 3.52 3.14
C PHE A 48 19.57 4.14 2.14
N THR A 49 18.44 3.48 1.91
CA THR A 49 17.44 4.00 0.97
C THR A 49 16.87 5.32 1.46
N ILE A 50 16.74 5.49 2.78
CA ILE A 50 16.23 6.76 3.31
C ILE A 50 17.23 7.88 3.04
N VAL A 51 18.53 7.59 3.20
CA VAL A 51 19.54 8.60 2.91
C VAL A 51 19.54 8.96 1.43
N SER A 52 19.43 7.95 0.56
CA SER A 52 19.35 8.24 -0.87
C SER A 52 18.10 9.05 -1.20
N LEU A 53 16.99 8.76 -0.52
CA LEU A 53 15.75 9.49 -0.75
C LEU A 53 15.90 10.96 -0.37
N MET A 54 16.40 11.22 0.83
CA MET A 54 16.56 12.61 1.25
C MET A 54 17.58 13.34 0.38
N TYR A 55 18.63 12.65 -0.05
CA TYR A 55 19.61 13.27 -0.95
C TYR A 55 18.95 13.67 -2.27
N PHE A 56 18.21 12.74 -2.89
CA PHE A 56 17.59 13.05 -4.18
C PHE A 56 16.48 14.08 -4.02
N ALA A 57 15.83 14.14 -2.86
CA ALA A 57 14.78 15.12 -2.64
C ALA A 57 15.35 16.52 -2.48
N PHE A 58 16.43 16.66 -1.72
CA PHE A 58 16.99 17.98 -1.49
C PHE A 58 17.78 18.49 -2.68
N THR A 59 18.53 17.61 -3.35
CA THR A 59 19.45 18.08 -4.38
C THR A 59 18.72 18.55 -5.63
N ARG A 60 17.59 17.93 -5.97
CA ARG A 60 16.93 18.23 -7.23
C ARG A 60 16.08 19.50 -7.11
N ASP A 61 15.55 19.93 -8.25
CA ASP A 61 14.68 21.10 -8.31
C ASP A 61 13.21 20.68 -8.17
N ASP A 62 12.35 21.68 -8.00
CA ASP A 62 10.93 21.44 -7.74
C ASP A 62 10.03 22.36 -8.57
N SER A 63 10.54 22.93 -9.66
CA SER A 63 9.77 23.92 -10.41
C SER A 63 8.64 23.26 -11.20
N VAL A 64 8.96 22.22 -11.96
CA VAL A 64 7.99 21.57 -12.85
C VAL A 64 7.03 20.72 -12.02
N PRO A 65 5.72 21.03 -12.02
CA PRO A 65 4.80 20.31 -11.13
C PRO A 65 4.53 18.88 -11.57
N GLU A 66 4.33 18.63 -12.87
CA GLU A 66 4.00 17.29 -13.31
C GLU A 66 5.18 16.34 -13.14
N ASP A 67 6.40 16.85 -13.35
CA ASP A 67 7.58 16.04 -13.07
C ASP A 67 7.68 15.71 -11.58
N ASN A 68 7.32 16.67 -10.73
CA ASN A 68 7.29 16.42 -9.30
C ASN A 68 6.31 15.31 -8.96
N ILE A 69 5.12 15.35 -9.56
CA ILE A 69 4.11 14.31 -9.28
C ILE A 69 4.60 12.95 -9.78
N TRP A 70 5.28 12.93 -10.93
CA TRP A 70 5.77 11.66 -11.46
C TRP A 70 6.87 11.08 -10.57
N ARG A 71 7.80 11.92 -10.13
CA ARG A 71 8.85 11.45 -9.23
C ARG A 71 8.25 10.96 -7.91
N GLY A 72 7.23 11.66 -7.42
CA GLY A 72 6.57 11.21 -6.20
C GLY A 72 5.92 9.86 -6.37
N ILE A 73 5.26 9.64 -7.51
CA ILE A 73 4.63 8.34 -7.75
C ILE A 73 5.68 7.24 -7.83
N LEU A 74 6.79 7.50 -8.54
CA LEU A 74 7.85 6.51 -8.63
C LEU A 74 8.43 6.17 -7.26
N SER A 75 8.67 7.19 -6.43
CA SER A 75 9.24 6.95 -5.11
C SER A 75 8.25 6.21 -4.21
N VAL A 76 6.96 6.53 -4.32
CA VAL A 76 5.97 5.81 -3.53
C VAL A 76 5.94 4.34 -3.92
N ILE A 77 6.01 4.06 -5.23
CA ILE A 77 6.01 2.67 -5.67
C ILE A 77 7.26 1.95 -5.17
N PHE A 78 8.43 2.60 -5.26
CA PHE A 78 9.66 1.97 -4.81
C PHE A 78 9.63 1.68 -3.32
N PHE A 79 9.18 2.64 -2.51
CA PHE A 79 9.17 2.40 -1.07
C PHE A 79 8.05 1.44 -0.66
N PHE A 80 6.99 1.35 -1.46
CA PHE A 80 5.99 0.32 -1.19
C PHE A 80 6.56 -1.07 -1.49
N LEU A 81 7.39 -1.18 -2.53
CA LEU A 81 8.06 -2.45 -2.78
C LEU A 81 9.02 -2.81 -1.66
N ILE A 82 9.71 -1.81 -1.10
CA ILE A 82 10.59 -2.06 0.03
C ILE A 82 9.80 -2.53 1.25
N ILE A 83 8.70 -1.84 1.55
CA ILE A 83 7.84 -2.26 2.66
C ILE A 83 7.30 -3.65 2.42
N SER A 84 7.02 -3.99 1.15
CA SER A 84 6.55 -5.32 0.82
C SER A 84 7.62 -6.37 1.11
N VAL A 85 8.87 -6.09 0.71
CA VAL A 85 9.96 -7.02 1.00
C VAL A 85 10.13 -7.18 2.51
N LEU A 86 9.88 -6.10 3.26
CA LEU A 86 10.10 -6.16 4.71
C LEU A 86 9.01 -6.97 5.41
N ALA A 87 7.73 -6.65 5.14
CA ALA A 87 6.60 -7.21 5.88
C ALA A 87 5.51 -7.68 4.91
N PHE A 88 5.58 -8.95 4.52
CA PHE A 88 4.58 -9.61 3.69
C PHE A 88 4.88 -11.10 3.70
N PRO A 89 3.87 -11.97 3.57
CA PRO A 89 4.12 -13.42 3.61
C PRO A 89 5.04 -13.89 2.49
N ASN A 90 5.78 -14.98 2.75
CA ASN A 90 6.77 -15.46 1.79
C ASN A 90 6.09 -16.03 0.54
N GLY A 91 5.19 -16.97 0.72
CA GLY A 91 4.52 -17.61 -0.40
C GLY A 91 4.98 -19.03 -0.60
N PRO A 92 4.59 -19.63 -1.73
CA PRO A 92 4.94 -21.04 -1.98
C PRO A 92 6.29 -21.23 -2.65
N PHE A 93 6.85 -20.20 -3.26
CA PHE A 93 8.14 -20.31 -3.94
C PHE A 93 9.27 -19.81 -3.06
N THR A 94 10.38 -20.54 -3.07
CA THR A 94 11.56 -20.13 -2.32
C THR A 94 12.85 -20.39 -3.06
N ARG A 95 12.77 -20.69 -4.36
CA ARG A 95 13.96 -21.07 -5.11
C ARG A 95 14.81 -19.90 -5.53
N PRO A 96 14.28 -19.00 -6.30
CA PRO A 96 15.13 -17.89 -6.77
C PRO A 96 15.53 -16.97 -5.63
N HIS A 97 14.55 -16.45 -4.91
CA HIS A 97 14.73 -15.66 -3.69
C HIS A 97 13.37 -15.50 -3.03
N PRO A 98 13.26 -15.74 -1.73
CA PRO A 98 11.95 -15.52 -1.07
C PRO A 98 11.52 -14.07 -1.07
N ALA A 99 12.45 -13.12 -1.28
CA ALA A 99 12.08 -11.72 -1.28
C ALA A 99 11.41 -11.31 -2.59
N LEU A 100 11.80 -11.92 -3.71
CA LEU A 100 11.22 -11.54 -4.99
C LEU A 100 9.71 -11.78 -5.01
N TRP A 101 9.26 -12.87 -4.41
CA TRP A 101 7.84 -13.17 -4.32
C TRP A 101 7.14 -12.40 -3.22
N ARG A 102 7.81 -11.40 -2.64
CA ARG A 102 7.18 -10.35 -1.85
C ARG A 102 7.03 -9.06 -2.65
N MET A 103 8.02 -8.73 -3.49
CA MET A 103 7.84 -7.65 -4.45
C MET A 103 6.71 -7.98 -5.42
N VAL A 104 6.55 -9.26 -5.76
CA VAL A 104 5.45 -9.66 -6.64
C VAL A 104 4.11 -9.44 -5.94
N PHE A 105 4.02 -9.80 -4.67
CA PHE A 105 2.79 -9.56 -3.92
C PHE A 105 2.51 -8.07 -3.78
N GLY A 106 3.56 -7.27 -3.59
CA GLY A 106 3.37 -5.84 -3.52
C GLY A 106 2.85 -5.24 -4.81
N LEU A 107 3.42 -5.68 -5.94
CA LEU A 107 2.92 -5.24 -7.23
C LEU A 107 1.47 -5.68 -7.44
N SER A 108 1.13 -6.88 -6.99
CA SER A 108 -0.25 -7.35 -7.10
C SER A 108 -1.20 -6.47 -6.32
N VAL A 109 -0.84 -6.12 -5.08
CA VAL A 109 -1.69 -5.26 -4.27
C VAL A 109 -1.80 -3.87 -4.89
N LEU A 110 -0.70 -3.36 -5.45
CA LEU A 110 -0.73 -2.06 -6.11
C LEU A 110 -1.70 -2.07 -7.28
N TYR A 111 -1.65 -3.12 -8.11
CA TYR A 111 -2.55 -3.18 -9.26
C TYR A 111 -4.00 -3.33 -8.82
N PHE A 112 -4.24 -4.12 -7.78
CA PHE A 112 -5.60 -4.27 -7.26
C PHE A 112 -6.15 -2.93 -6.77
N LEU A 113 -5.35 -2.18 -6.02
CA LEU A 113 -5.81 -0.87 -5.54
C LEU A 113 -5.98 0.10 -6.69
N PHE A 114 -5.12 0.02 -7.70
CA PHE A 114 -5.26 0.89 -8.87
C PHE A 114 -6.56 0.62 -9.60
N LEU A 115 -6.96 -0.65 -9.70
CA LEU A 115 -8.25 -0.96 -10.32
C LEU A 115 -9.40 -0.46 -9.45
N VAL A 116 -9.29 -0.63 -8.13
CA VAL A 116 -10.33 -0.14 -7.24
C VAL A 116 -10.51 1.37 -7.40
N PHE A 117 -9.41 2.10 -7.58
CA PHE A 117 -9.50 3.53 -7.82
C PHE A 117 -10.12 3.82 -9.19
N LEU A 118 -9.55 3.24 -10.25
CA LEU A 118 -10.02 3.47 -11.61
C LEU A 118 -11.50 3.15 -11.76
N LEU A 119 -12.06 2.33 -10.89
CA LEU A 119 -13.49 2.01 -10.97
C LEU A 119 -14.39 3.21 -10.67
N PHE A 120 -13.85 4.32 -10.14
CA PHE A 120 -14.68 5.44 -9.74
C PHE A 120 -14.63 6.62 -10.69
N LEU A 121 -13.55 6.77 -11.46
CA LEU A 121 -13.48 7.85 -12.43
C LEU A 121 -14.48 7.62 -13.56
N ASN A 122 -14.71 8.67 -14.34
CA ASN A 122 -15.51 8.53 -15.55
C ASN A 122 -14.57 8.30 -16.74
N PHE A 123 -15.14 8.22 -17.94
CA PHE A 123 -14.33 7.91 -19.12
C PHE A 123 -13.36 9.03 -19.44
N GLU A 124 -13.79 10.29 -19.28
CA GLU A 124 -12.94 11.42 -19.61
C GLU A 124 -11.71 11.46 -18.71
N GLN A 125 -11.88 11.18 -17.42
CA GLN A 125 -10.75 11.22 -16.50
C GLN A 125 -9.77 10.08 -16.78
N VAL A 126 -10.28 8.89 -17.11
CA VAL A 126 -9.40 7.78 -17.44
C VAL A 126 -8.64 8.07 -18.72
N LYS A 127 -9.29 8.67 -19.71
CA LYS A 127 -8.60 9.02 -20.94
C LYS A 127 -7.57 10.10 -20.69
N SER A 128 -7.85 11.04 -19.80
CA SER A 128 -6.87 12.07 -19.45
C SER A 128 -5.66 11.46 -18.75
N LEU A 129 -5.91 10.50 -17.86
CA LEU A 129 -4.80 9.81 -17.21
C LEU A 129 -3.96 9.05 -18.22
N MET A 130 -4.60 8.39 -19.19
CA MET A 130 -3.86 7.72 -20.25
C MET A 130 -3.02 8.70 -21.06
N TYR A 131 -3.60 9.86 -21.39
CA TYR A 131 -2.85 10.86 -22.15
C TYR A 131 -1.67 11.39 -21.34
N TRP A 132 -1.83 11.50 -20.02
CA TRP A 132 -0.72 11.94 -19.19
C TRP A 132 0.37 10.90 -19.12
N LEU A 133 0.01 9.61 -19.04
CA LEU A 133 1.01 8.55 -19.06
C LEU A 133 1.82 8.59 -20.36
N ASP A 134 1.14 8.74 -21.48
CA ASP A 134 1.80 8.86 -22.78
C ASP A 134 1.00 9.79 -23.67
N PRO A 135 1.52 10.97 -24.01
CA PRO A 135 0.75 11.90 -24.84
C PRO A 135 0.47 11.37 -26.24
N ASN A 136 1.34 10.50 -26.77
CA ASN A 136 1.14 9.97 -28.12
C ASN A 136 -0.16 9.19 -28.25
N LEU A 137 -0.72 8.70 -27.15
CA LEU A 137 -2.01 8.02 -27.18
C LEU A 137 -3.16 8.93 -27.58
N ARG A 138 -2.92 10.24 -27.66
CA ARG A 138 -3.98 11.15 -28.08
C ARG A 138 -4.41 10.87 -29.51
N TYR A 139 -3.47 10.49 -30.36
CA TYR A 139 -3.75 10.17 -31.76
C TYR A 139 -3.54 8.67 -31.95
N ALA A 140 -4.62 7.91 -31.80
CA ALA A 140 -4.55 6.46 -31.93
C ALA A 140 -5.93 5.93 -32.31
N THR A 141 -5.99 5.13 -33.37
CA THR A 141 -7.23 4.56 -33.86
C THR A 141 -7.30 3.09 -33.54
N ARG A 142 -8.53 2.58 -33.41
CA ARG A 142 -8.74 1.17 -33.12
C ARG A 142 -8.30 0.31 -34.29
N GLU A 143 -7.66 -0.81 -33.99
CA GLU A 143 -7.29 -1.78 -35.02
C GLU A 143 -8.49 -2.55 -35.55
N ALA A 144 -9.68 -2.33 -34.98
CA ALA A 144 -10.88 -3.05 -35.40
C ALA A 144 -11.94 -2.14 -36.01
N ASP A 145 -11.88 -0.83 -35.79
CA ASP A 145 -12.88 0.07 -36.36
C ASP A 145 -12.81 0.09 -37.87
N VAL A 146 -11.61 0.26 -38.42
CA VAL A 146 -11.39 0.29 -39.86
C VAL A 146 -10.38 -0.82 -40.16
N MET A 147 -10.87 -2.02 -40.43
CA MET A 147 -10.06 -3.16 -40.80
C MET A 147 -11.01 -4.31 -41.17
N GLU A 148 -10.57 -5.14 -42.12
CA GLU A 148 -11.35 -6.26 -42.61
C GLU A 148 -10.69 -7.56 -42.17
N TYR A 149 -11.42 -8.38 -41.43
CA TYR A 149 -10.94 -9.67 -40.94
C TYR A 149 -11.77 -10.79 -41.55
N ALA A 150 -11.20 -11.98 -41.56
CA ALA A 150 -11.85 -13.19 -42.07
C ALA A 150 -12.34 -12.98 -43.50
N VAL A 151 -11.43 -12.47 -44.33
CA VAL A 151 -11.70 -12.28 -45.75
C VAL A 151 -11.72 -13.64 -46.43
N ASN A 152 -12.17 -13.67 -47.68
CA ASN A 152 -12.18 -14.92 -48.45
C ASN A 152 -10.81 -15.60 -48.37
N CYS A 153 -10.79 -16.79 -47.78
CA CYS A 153 -9.54 -17.44 -47.39
C CYS A 153 -9.41 -18.75 -48.15
N HIS A 154 -8.88 -18.67 -49.38
CA HIS A 154 -8.55 -19.87 -50.14
C HIS A 154 -7.20 -19.70 -50.81
N VAL A 155 -6.69 -18.47 -50.84
CA VAL A 155 -5.45 -18.14 -51.53
C VAL A 155 -4.27 -18.73 -50.77
N ILE A 156 -3.19 -19.03 -51.48
CA ILE A 156 -1.96 -19.54 -50.87
C ILE A 156 -0.74 -18.71 -51.23
N THR A 157 -0.87 -17.61 -51.96
CA THR A 157 0.26 -16.78 -52.35
C THR A 157 1.03 -16.31 -51.12
N TRP A 158 2.36 -16.27 -51.25
CA TRP A 158 3.23 -15.92 -50.12
C TRP A 158 3.08 -14.47 -49.69
N GLU A 159 2.25 -13.67 -50.36
CA GLU A 159 2.10 -12.28 -49.98
C GLU A 159 1.52 -12.13 -48.58
N ARG A 160 0.64 -13.06 -48.19
CA ARG A 160 -0.06 -12.99 -46.91
C ARG A 160 0.55 -13.89 -45.84
N ILE A 161 1.14 -15.02 -46.22
CA ILE A 161 1.57 -16.01 -45.24
C ILE A 161 2.75 -15.50 -44.42
N ILE A 162 3.74 -14.89 -45.08
CA ILE A 162 4.95 -14.47 -44.36
C ILE A 162 4.67 -13.28 -43.47
N SER A 163 3.57 -12.57 -43.71
CA SER A 163 3.21 -11.39 -42.93
C SER A 163 2.25 -11.81 -41.82
N HIS A 164 2.73 -12.67 -40.93
CA HIS A 164 1.97 -13.09 -39.76
C HIS A 164 2.80 -13.01 -38.51
N PHE A 165 4.12 -12.92 -38.66
CA PHE A 165 5.05 -12.97 -37.55
C PHE A 165 5.31 -11.58 -36.98
N ASP A 166 4.38 -10.65 -37.20
CA ASP A 166 4.60 -9.27 -36.78
C ASP A 166 4.47 -9.13 -35.26
N ILE A 167 3.27 -9.33 -34.74
CA ILE A 167 3.01 -9.13 -33.31
C ILE A 167 2.38 -10.37 -32.70
N PHE A 168 1.30 -10.85 -33.31
CA PHE A 168 0.48 -11.87 -32.67
C PHE A 168 1.15 -13.24 -32.71
N ALA A 169 1.98 -13.53 -33.71
CA ALA A 169 2.69 -14.80 -33.74
C ALA A 169 3.75 -14.86 -32.65
N PHE A 170 4.54 -13.79 -32.53
CA PHE A 170 5.47 -13.68 -31.41
C PHE A 170 4.75 -13.80 -30.08
N GLY A 171 3.62 -13.09 -29.95
CA GLY A 171 2.85 -13.17 -28.72
C GLY A 171 2.40 -14.58 -28.40
N HIS A 172 1.80 -15.25 -29.39
CA HIS A 172 1.34 -16.63 -29.17
C HIS A 172 2.49 -17.53 -28.76
N PHE A 173 3.57 -17.54 -29.53
CA PHE A 173 4.66 -18.48 -29.27
C PHE A 173 5.29 -18.25 -27.90
N TRP A 174 5.82 -17.05 -27.65
CA TRP A 174 6.54 -16.85 -26.41
C TRP A 174 5.62 -16.70 -25.20
N GLY A 175 4.42 -16.13 -25.38
CA GLY A 175 3.44 -16.18 -24.32
C GLY A 175 3.05 -17.58 -23.93
N TRP A 176 3.04 -18.51 -24.90
CA TRP A 176 2.71 -19.89 -24.55
C TRP A 176 3.90 -20.62 -23.94
N ALA A 177 5.12 -20.21 -24.26
CA ALA A 177 6.26 -20.69 -23.48
C ALA A 177 6.13 -20.27 -22.01
N MET A 178 5.78 -19.01 -21.78
CA MET A 178 5.57 -18.54 -20.40
C MET A 178 4.41 -19.27 -19.74
N LYS A 179 3.33 -19.51 -20.48
CA LYS A 179 2.19 -20.22 -19.90
C LYS A 179 2.51 -21.67 -19.62
N ALA A 180 3.38 -22.29 -20.42
CA ALA A 180 3.80 -23.65 -20.11
C ALA A 180 4.72 -23.69 -18.90
N LEU A 181 5.46 -22.60 -18.67
CA LEU A 181 6.23 -22.50 -17.43
C LEU A 181 5.30 -22.30 -16.23
N LEU A 182 4.17 -21.62 -16.44
CA LEU A 182 3.25 -21.39 -15.34
C LEU A 182 2.42 -22.63 -15.02
N ILE A 183 2.06 -23.40 -16.04
CA ILE A 183 1.14 -24.52 -15.89
C ILE A 183 1.89 -25.84 -15.73
N ARG A 184 2.96 -26.05 -16.50
CA ARG A 184 3.80 -27.24 -16.40
C ARG A 184 3.00 -28.52 -16.66
N SER A 185 2.39 -28.59 -17.84
CA SER A 185 1.65 -29.77 -18.26
C SER A 185 1.38 -29.70 -19.75
N TYR A 186 1.41 -30.86 -20.41
CA TYR A 186 1.00 -30.90 -21.81
C TYR A 186 -0.50 -30.97 -21.94
N GLY A 187 -1.18 -31.61 -20.98
CA GLY A 187 -2.62 -31.74 -21.05
C GLY A 187 -3.33 -30.42 -20.85
N LEU A 188 -3.02 -29.73 -19.75
CA LEU A 188 -3.74 -28.51 -19.41
C LEU A 188 -3.38 -27.39 -20.40
N CYS A 189 -2.12 -27.32 -20.83
CA CYS A 189 -1.73 -26.28 -21.78
C CYS A 189 -2.44 -26.47 -23.11
N TRP A 190 -2.50 -27.70 -23.62
CA TRP A 190 -3.21 -27.94 -24.88
C TRP A 190 -4.70 -27.71 -24.70
N THR A 191 -5.25 -28.03 -23.53
CA THR A 191 -6.67 -27.77 -23.28
C THR A 191 -6.96 -26.28 -23.32
N ILE A 192 -6.09 -25.46 -22.73
CA ILE A 192 -6.28 -24.02 -22.76
C ILE A 192 -6.10 -23.48 -24.18
N SER A 193 -5.13 -24.04 -24.92
CA SER A 193 -4.91 -23.60 -26.30
C SER A 193 -6.10 -23.92 -27.19
N ILE A 194 -6.79 -25.02 -26.90
CA ILE A 194 -7.96 -25.38 -27.69
C ILE A 194 -9.19 -24.58 -27.23
N THR A 195 -9.26 -24.27 -25.93
CA THR A 195 -10.38 -23.52 -25.41
C THR A 195 -10.33 -22.05 -25.82
N TRP A 196 -9.13 -21.49 -26.00
CA TRP A 196 -9.04 -20.10 -26.39
C TRP A 196 -9.58 -19.85 -27.79
N GLU A 197 -9.46 -20.82 -28.68
CA GLU A 197 -10.04 -20.66 -30.02
C GLU A 197 -11.56 -20.66 -29.94
N LEU A 198 -12.14 -21.50 -29.08
CA LEU A 198 -13.58 -21.47 -28.89
C LEU A 198 -14.01 -20.15 -28.26
N THR A 199 -13.21 -19.61 -27.35
CA THR A 199 -13.53 -18.31 -26.77
C THR A 199 -13.50 -17.21 -27.82
N GLU A 200 -12.49 -17.22 -28.68
CA GLU A 200 -12.43 -16.25 -29.77
C GLU A 200 -13.62 -16.40 -30.70
N LEU A 201 -14.05 -17.63 -30.98
CA LEU A 201 -15.20 -17.83 -31.86
C LEU A 201 -16.48 -17.34 -31.22
N PHE A 202 -16.64 -17.54 -29.91
CA PHE A 202 -17.89 -17.17 -29.26
C PHE A 202 -17.97 -15.66 -29.03
N PHE A 203 -16.85 -15.02 -28.69
CA PHE A 203 -16.82 -13.58 -28.48
C PHE A 203 -16.44 -12.81 -29.75
N MET A 204 -16.78 -13.36 -30.92
CA MET A 204 -16.47 -12.73 -32.20
C MET A 204 -17.47 -11.65 -32.59
N HIS A 205 -18.60 -11.55 -31.90
CA HIS A 205 -19.62 -10.57 -32.23
C HIS A 205 -19.43 -9.25 -31.50
N LEU A 206 -18.60 -9.21 -30.46
CA LEU A 206 -18.28 -7.97 -29.77
C LEU A 206 -17.07 -7.27 -30.37
N LEU A 207 -15.92 -7.95 -30.39
CA LEU A 207 -14.70 -7.41 -30.98
C LEU A 207 -14.47 -8.10 -32.32
N PRO A 208 -14.85 -7.47 -33.43
CA PRO A 208 -14.75 -8.17 -34.72
C PRO A 208 -13.33 -8.25 -35.26
N ASN A 209 -12.38 -8.59 -34.38
CA ASN A 209 -11.03 -8.92 -34.78
C ASN A 209 -10.61 -10.31 -34.36
N PHE A 210 -11.38 -10.96 -33.48
CA PHE A 210 -11.17 -12.38 -33.20
C PHE A 210 -11.46 -13.25 -34.41
N ALA A 211 -12.16 -12.71 -35.41
CA ALA A 211 -12.47 -13.48 -36.61
C ALA A 211 -11.19 -13.86 -37.34
N GLU A 212 -10.94 -15.16 -37.45
CA GLU A 212 -9.76 -15.68 -38.12
C GLU A 212 -10.17 -16.73 -39.14
N CYS A 213 -9.38 -16.86 -40.19
CA CYS A 213 -9.59 -17.90 -41.18
C CYS A 213 -9.53 -19.27 -40.51
N TRP A 214 -10.42 -20.18 -40.90
CA TRP A 214 -10.48 -21.50 -40.29
C TRP A 214 -9.16 -22.24 -40.50
N TRP A 215 -8.43 -21.90 -41.57
CA TRP A 215 -7.14 -22.52 -41.82
C TRP A 215 -6.03 -21.74 -41.13
N ASP A 216 -6.40 -20.75 -40.32
CA ASP A 216 -5.46 -20.07 -39.44
C ASP A 216 -5.53 -20.61 -38.03
N GLN A 217 -6.73 -20.66 -37.43
CA GLN A 217 -6.87 -21.15 -36.06
C GLN A 217 -6.34 -22.57 -35.93
N VAL A 218 -6.82 -23.49 -36.76
CA VAL A 218 -6.49 -24.89 -36.59
C VAL A 218 -5.02 -25.15 -36.93
N ILE A 219 -4.54 -24.59 -38.04
CA ILE A 219 -3.16 -24.87 -38.44
C ILE A 219 -2.18 -24.07 -37.61
N LEU A 220 -2.16 -22.75 -37.77
CA LEU A 220 -1.10 -21.98 -37.14
C LEU A 220 -1.30 -21.88 -35.64
N ASP A 221 -2.38 -21.21 -35.22
CA ASP A 221 -2.56 -20.83 -33.83
C ASP A 221 -2.56 -22.05 -32.91
N ILE A 222 -2.99 -23.20 -33.41
CA ILE A 222 -3.05 -24.39 -32.58
C ILE A 222 -1.86 -25.31 -32.84
N LEU A 223 -1.72 -25.81 -34.07
CA LEU A 223 -0.75 -26.87 -34.30
C LEU A 223 0.69 -26.36 -34.27
N LEU A 224 0.93 -25.12 -34.69
CA LEU A 224 2.30 -24.64 -34.80
C LEU A 224 2.63 -23.53 -33.81
N CYS A 225 1.89 -22.41 -33.87
CA CYS A 225 2.29 -21.20 -33.18
C CYS A 225 2.23 -21.34 -31.67
N ASN A 226 1.43 -22.31 -31.22
CA ASN A 226 1.27 -22.61 -29.80
C ASN A 226 1.90 -23.97 -29.49
N GLY A 227 1.81 -24.91 -30.43
CA GLY A 227 2.40 -26.22 -30.24
C GLY A 227 3.88 -26.15 -29.98
N GLY A 228 4.60 -25.44 -30.87
CA GLY A 228 6.03 -25.25 -30.64
C GLY A 228 6.30 -24.47 -29.37
N GLY A 229 5.42 -23.52 -29.03
CA GLY A 229 5.61 -22.75 -27.81
C GLY A 229 5.50 -23.61 -26.56
N ILE A 230 4.50 -24.47 -26.51
CA ILE A 230 4.34 -25.38 -25.37
C ILE A 230 5.51 -26.36 -25.32
N TRP A 231 5.90 -26.90 -26.48
CA TRP A 231 7.04 -27.81 -26.52
C TRP A 231 8.30 -27.16 -25.97
N LEU A 232 8.59 -25.93 -26.41
CA LEU A 232 9.78 -25.23 -25.94
C LEU A 232 9.68 -24.88 -24.47
N GLY A 233 8.51 -24.41 -24.02
CA GLY A 233 8.35 -24.08 -22.61
C GLY A 233 8.55 -25.28 -21.72
N MET A 234 8.05 -26.44 -22.13
CA MET A 234 8.21 -27.64 -21.31
C MET A 234 9.63 -28.18 -21.38
N VAL A 235 10.29 -28.07 -22.54
CA VAL A 235 11.69 -28.47 -22.61
C VAL A 235 12.54 -27.59 -21.70
N VAL A 236 12.20 -26.30 -21.61
CA VAL A 236 12.92 -25.41 -20.70
C VAL A 236 12.61 -25.77 -19.25
N CYS A 237 11.34 -26.00 -18.93
CA CYS A 237 10.95 -26.38 -17.58
C CYS A 237 11.58 -27.70 -17.15
N ARG A 238 11.94 -28.55 -18.11
CA ARG A 238 12.65 -29.78 -17.76
C ARG A 238 14.16 -29.55 -17.64
N PHE A 239 14.73 -28.74 -18.56
CA PHE A 239 16.15 -28.42 -18.49
C PHE A 239 16.49 -27.75 -17.16
N LEU A 240 15.91 -26.58 -16.90
CA LEU A 240 16.00 -25.99 -15.58
C LEU A 240 15.27 -26.90 -14.59
N GLU A 241 15.88 -27.11 -13.42
CA GLU A 241 15.32 -28.07 -12.47
C GLU A 241 14.04 -27.69 -11.75
N MET A 242 12.91 -27.86 -12.43
CA MET A 242 11.60 -27.49 -11.93
C MET A 242 10.79 -28.75 -11.65
N ARG A 243 9.52 -28.55 -11.29
CA ARG A 243 8.59 -29.64 -11.07
C ARG A 243 7.70 -29.80 -12.30
N THR A 244 6.70 -30.68 -12.22
CA THR A 244 5.73 -30.84 -13.28
C THR A 244 4.41 -31.25 -12.65
N TYR A 245 3.47 -30.33 -12.56
CA TYR A 245 2.20 -30.59 -11.89
C TYR A 245 1.43 -31.68 -12.62
N HIS A 246 0.41 -32.22 -11.96
CA HIS A 246 -0.36 -33.32 -12.52
C HIS A 246 -1.85 -33.03 -12.63
N TRP A 247 -2.45 -32.39 -11.63
CA TRP A 247 -3.89 -32.13 -11.58
C TRP A 247 -4.72 -33.41 -11.65
N ALA A 248 -4.15 -34.54 -11.26
CA ALA A 248 -4.86 -35.82 -11.28
C ALA A 248 -4.21 -36.83 -10.34
N PHE A 284 -14.20 -35.61 -8.13
CA PHE A 284 -14.28 -35.06 -6.78
C PHE A 284 -14.41 -33.55 -6.82
N GLN A 285 -13.66 -32.86 -5.96
CA GLN A 285 -13.63 -31.41 -5.92
C GLN A 285 -12.85 -30.82 -7.09
N ARG A 286 -12.08 -31.64 -7.78
CA ARG A 286 -11.29 -31.17 -8.93
C ARG A 286 -12.15 -30.90 -10.15
N VAL A 287 -13.31 -31.56 -10.25
CA VAL A 287 -14.20 -31.38 -11.39
C VAL A 287 -14.66 -29.93 -11.48
N ALA A 288 -14.93 -29.31 -10.33
CA ALA A 288 -15.32 -27.90 -10.31
C ALA A 288 -14.13 -26.97 -10.13
N GLY A 289 -13.09 -27.41 -9.42
CA GLY A 289 -11.94 -26.57 -9.22
C GLY A 289 -11.21 -26.24 -10.50
N VAL A 290 -10.92 -27.25 -11.31
CA VAL A 290 -10.25 -27.02 -12.59
C VAL A 290 -11.14 -26.22 -13.52
N TYR A 291 -12.46 -26.39 -13.42
CA TYR A 291 -13.37 -25.59 -14.23
C TYR A 291 -13.31 -24.12 -13.85
N LEU A 292 -13.32 -23.82 -12.56
CA LEU A 292 -13.19 -22.43 -12.12
C LEU A 292 -11.84 -21.86 -12.53
N PHE A 293 -10.79 -22.68 -12.46
CA PHE A 293 -9.47 -22.24 -12.90
C PHE A 293 -9.49 -21.89 -14.39
N MET A 294 -10.13 -22.74 -15.20
CA MET A 294 -10.21 -22.48 -16.63
C MET A 294 -11.00 -21.20 -16.91
N ILE A 295 -12.10 -21.00 -16.17
CA ILE A 295 -12.91 -19.80 -16.37
C ILE A 295 -12.11 -18.55 -16.04
N ILE A 296 -11.38 -18.56 -14.92
CA ILE A 296 -10.58 -17.39 -14.55
C ILE A 296 -9.47 -17.16 -15.57
N TRP A 297 -8.87 -18.25 -16.08
CA TRP A 297 -7.81 -18.12 -17.07
C TRP A 297 -8.33 -17.47 -18.34
N GLN A 298 -9.49 -17.95 -18.84
CA GLN A 298 -10.05 -17.38 -20.06
C GLN A 298 -10.49 -15.94 -19.86
N LEU A 299 -11.06 -15.63 -18.69
CA LEU A 299 -11.47 -14.26 -18.42
C LEU A 299 -10.28 -13.33 -18.37
N THR A 300 -9.15 -13.78 -17.81
CA THR A 300 -7.97 -12.93 -17.75
C THR A 300 -7.32 -12.79 -19.14
N GLU A 301 -7.39 -13.84 -19.96
CA GLU A 301 -6.88 -13.73 -21.32
C GLU A 301 -7.78 -12.91 -22.21
N LEU A 302 -9.04 -12.72 -21.83
CA LEU A 302 -9.98 -11.92 -22.61
C LEU A 302 -10.02 -10.46 -22.18
N ASN A 303 -9.75 -10.19 -20.90
CA ASN A 303 -9.67 -8.81 -20.44
C ASN A 303 -8.60 -8.03 -21.19
N THR A 304 -7.58 -8.71 -21.71
CA THR A 304 -6.57 -8.04 -22.50
C THR A 304 -7.18 -7.37 -23.72
N PHE A 305 -7.93 -8.14 -24.52
CA PHE A 305 -8.56 -7.57 -25.71
C PHE A 305 -9.69 -6.61 -25.34
N PHE A 306 -10.40 -6.87 -24.24
CA PHE A 306 -11.42 -5.92 -23.81
C PHE A 306 -10.81 -4.56 -23.50
N LEU A 307 -9.74 -4.53 -22.71
CA LEU A 307 -9.07 -3.26 -22.40
C LEU A 307 -8.49 -2.62 -23.65
N LYS A 308 -7.88 -3.42 -24.53
CA LYS A 308 -7.32 -2.88 -25.76
C LYS A 308 -8.38 -2.25 -26.65
N HIS A 309 -9.62 -2.75 -26.57
CA HIS A 309 -10.67 -2.22 -27.43
C HIS A 309 -11.44 -1.07 -26.79
N ILE A 310 -11.60 -1.06 -25.47
CA ILE A 310 -12.36 0.01 -24.81
C ILE A 310 -11.53 1.28 -24.75
N PHE A 311 -10.40 1.23 -24.04
CA PHE A 311 -9.41 2.30 -24.04
C PHE A 311 -8.46 2.18 -25.21
N VAL A 312 -8.72 2.86 -26.32
CA VAL A 312 -8.05 2.56 -27.59
C VAL A 312 -6.54 2.70 -27.46
N PHE A 313 -5.83 1.64 -27.83
CA PHE A 313 -4.40 1.65 -28.13
C PHE A 313 -4.05 0.36 -28.85
N GLN A 314 -2.78 0.19 -29.17
CA GLN A 314 -2.32 -0.94 -29.96
C GLN A 314 -1.77 -2.03 -29.05
N ALA A 315 -1.52 -3.20 -29.64
CA ALA A 315 -0.93 -4.31 -28.91
C ALA A 315 0.57 -4.18 -28.71
N SER A 316 1.18 -3.15 -29.29
CA SER A 316 2.61 -2.91 -29.15
C SER A 316 2.92 -1.81 -28.15
N HIS A 317 1.93 -1.02 -27.76
CA HIS A 317 2.14 0.01 -26.75
C HIS A 317 2.56 -0.64 -25.43
N PRO A 318 3.46 0.00 -24.67
CA PRO A 318 3.96 -0.63 -23.44
C PRO A 318 2.88 -1.05 -22.47
N LEU A 319 1.67 -0.48 -22.54
CA LEU A 319 0.61 -0.91 -21.64
C LEU A 319 0.24 -2.37 -21.87
N SER A 320 0.09 -2.76 -23.13
CA SER A 320 -0.36 -4.12 -23.45
C SER A 320 0.62 -5.17 -22.94
N TRP A 321 1.84 -5.17 -23.47
CA TRP A 321 2.78 -6.20 -23.07
C TRP A 321 3.28 -6.01 -21.65
N GLY A 322 3.24 -4.77 -21.14
CA GLY A 322 3.53 -4.57 -19.72
C GLY A 322 2.54 -5.29 -18.83
N ARG A 323 1.25 -5.14 -19.13
CA ARG A 323 0.23 -5.86 -18.36
C ARG A 323 0.36 -7.37 -18.56
N ILE A 324 0.73 -7.79 -19.76
CA ILE A 324 0.88 -9.23 -20.01
C ILE A 324 1.99 -9.81 -19.14
N LEU A 325 3.16 -9.18 -19.14
CA LEU A 325 4.27 -9.65 -18.32
C LEU A 325 3.94 -9.57 -16.83
N PHE A 326 3.26 -8.49 -16.42
CA PHE A 326 2.87 -8.37 -15.02
C PHE A 326 1.93 -9.48 -14.61
N ILE A 327 0.96 -9.82 -15.46
CA ILE A 327 0.02 -10.89 -15.14
C ILE A 327 0.71 -12.23 -15.09
N GLY A 328 1.67 -12.47 -16.00
CA GLY A 328 2.46 -13.68 -15.92
C GLY A 328 3.20 -13.80 -14.60
N GLY A 329 3.85 -12.70 -14.18
CA GLY A 329 4.56 -12.72 -12.91
C GLY A 329 3.64 -12.96 -11.73
N ILE A 330 2.48 -12.30 -11.70
CA ILE A 330 1.54 -12.48 -10.60
C ILE A 330 0.96 -13.89 -10.61
N THR A 331 0.84 -14.49 -11.79
CA THR A 331 0.21 -15.80 -11.91
C THR A 331 1.16 -16.93 -11.56
N ALA A 332 2.47 -16.72 -11.71
CA ALA A 332 3.43 -17.76 -11.37
C ALA A 332 3.24 -18.35 -9.97
N PRO A 333 3.02 -17.56 -8.90
CA PRO A 333 2.75 -18.19 -7.58
C PRO A 333 1.29 -18.57 -7.39
N THR A 334 0.38 -17.91 -8.11
CA THR A 334 -1.04 -18.20 -7.94
C THR A 334 -1.37 -19.62 -8.41
N VAL A 335 -0.80 -20.04 -9.53
CA VAL A 335 -1.05 -21.40 -10.03
C VAL A 335 -0.50 -22.43 -9.06
N ARG A 336 0.66 -22.14 -8.44
CA ARG A 336 1.21 -23.07 -7.47
C ARG A 336 0.35 -23.17 -6.23
N GLN A 337 -0.14 -22.03 -5.72
CA GLN A 337 -1.02 -22.08 -4.56
C GLN A 337 -2.32 -22.82 -4.87
N TYR A 338 -2.87 -22.61 -6.07
CA TYR A 338 -4.09 -23.31 -6.43
C TYR A 338 -3.86 -24.81 -6.60
N TYR A 339 -2.71 -25.18 -7.19
CA TYR A 339 -2.39 -26.59 -7.29
C TYR A 339 -2.19 -27.22 -5.92
N ALA A 340 -1.65 -26.46 -4.98
CA ALA A 340 -1.50 -26.95 -3.61
C ALA A 340 -2.86 -27.18 -2.96
N TYR A 341 -3.77 -26.20 -3.10
CA TYR A 341 -5.11 -26.38 -2.57
C TYR A 341 -5.83 -27.53 -3.25
N LEU A 342 -5.46 -27.83 -4.49
CA LEU A 342 -5.99 -28.99 -5.20
C LEU A 342 -5.26 -30.23 -4.72
N THR A 343 -5.35 -31.33 -5.48
CA THR A 343 -4.99 -32.64 -4.96
C THR A 343 -3.54 -32.70 -4.51
N ASP A 344 -3.34 -32.68 -3.19
CA ASP A 344 -2.04 -32.92 -2.58
C ASP A 344 -2.22 -33.83 -1.37
N THR A 345 -3.45 -33.90 -0.85
CA THR A 345 -3.76 -34.61 0.39
C THR A 345 -2.92 -34.07 1.55
N GLN A 346 -2.78 -32.75 1.57
CA GLN A 346 -1.89 -32.07 2.50
C GLN A 346 -2.35 -30.62 2.67
N CYS A 347 -1.45 -29.75 3.14
CA CYS A 347 -1.75 -28.34 3.36
C CYS A 347 -2.66 -27.77 2.27
N LYS A 348 -3.68 -27.05 2.70
CA LYS A 348 -4.80 -26.62 1.86
C LYS A 348 -5.23 -25.23 2.32
N ARG A 349 -6.46 -24.85 2.01
CA ARG A 349 -6.97 -23.52 2.35
C ARG A 349 -6.13 -22.46 1.66
N VAL A 350 -6.23 -22.42 0.33
CA VAL A 350 -5.35 -21.61 -0.52
C VAL A 350 -5.17 -20.20 0.05
N GLY A 351 -3.95 -19.71 0.00
CA GLY A 351 -3.57 -18.50 0.67
C GLY A 351 -4.19 -17.24 0.07
N THR A 352 -3.52 -16.12 0.33
CA THR A 352 -4.05 -14.82 -0.03
C THR A 352 -3.79 -14.48 -1.49
N GLN A 353 -2.63 -14.86 -2.02
CA GLN A 353 -2.24 -14.45 -3.37
C GLN A 353 -3.25 -14.92 -4.41
N CYS A 354 -3.79 -16.13 -4.25
CA CYS A 354 -4.77 -16.62 -5.20
C CYS A 354 -6.05 -15.79 -5.17
N TRP A 355 -6.52 -15.43 -3.97
CA TRP A 355 -7.70 -14.59 -3.88
C TRP A 355 -7.44 -13.21 -4.46
N VAL A 356 -6.24 -12.67 -4.24
CA VAL A 356 -5.91 -11.36 -4.80
C VAL A 356 -5.89 -11.41 -6.32
N PHE A 357 -5.39 -12.51 -6.89
CA PHE A 357 -5.38 -12.61 -8.35
C PHE A 357 -6.80 -12.79 -8.90
N GLY A 358 -7.62 -13.59 -8.24
CA GLY A 358 -9.01 -13.72 -8.66
C GLY A 358 -9.74 -12.39 -8.61
N VAL A 359 -9.50 -11.61 -7.57
CA VAL A 359 -10.16 -10.30 -7.45
C VAL A 359 -9.61 -9.34 -8.50
N ILE A 360 -8.33 -9.45 -8.83
CA ILE A 360 -7.77 -8.61 -9.89
C ILE A 360 -8.45 -8.91 -11.22
N GLY A 361 -8.61 -10.19 -11.54
CA GLY A 361 -9.32 -10.55 -12.76
C GLY A 361 -10.76 -10.07 -12.78
N PHE A 362 -11.47 -10.26 -11.66
CA PHE A 362 -12.85 -9.81 -11.58
C PHE A 362 -12.96 -8.30 -11.71
N LEU A 363 -12.00 -7.56 -11.13
CA LEU A 363 -12.07 -6.10 -11.19
C LEU A 363 -11.72 -5.59 -12.58
N GLU A 364 -10.78 -6.24 -13.27
CA GLU A 364 -10.56 -5.88 -14.67
C GLU A 364 -11.82 -6.10 -15.50
N ALA A 365 -12.50 -7.23 -15.28
CA ALA A 365 -13.75 -7.48 -15.99
C ALA A 365 -14.79 -6.41 -15.68
N ILE A 366 -14.90 -6.02 -14.41
CA ILE A 366 -15.90 -5.02 -14.01
C ILE A 366 -15.57 -3.67 -14.61
N VAL A 367 -14.29 -3.29 -14.61
CA VAL A 367 -13.89 -2.01 -15.19
C VAL A 367 -14.18 -1.99 -16.68
N CYS A 368 -13.90 -3.09 -17.38
CA CYS A 368 -14.24 -3.16 -18.80
C CYS A 368 -15.74 -3.01 -19.00
N ILE A 369 -16.54 -3.73 -18.22
CA ILE A 369 -18.00 -3.68 -18.39
C ILE A 369 -18.53 -2.28 -18.11
N LYS A 370 -17.91 -1.57 -17.16
CA LYS A 370 -18.40 -0.24 -16.80
C LYS A 370 -18.00 0.78 -17.85
N PHE A 371 -16.72 0.83 -18.22
CA PHE A 371 -16.26 1.90 -19.09
C PHE A 371 -16.61 1.66 -20.56
N GLY A 372 -16.69 0.41 -20.99
CA GLY A 372 -17.08 0.17 -22.37
C GLY A 372 -18.54 0.48 -22.61
N GLN A 373 -19.42 -0.36 -22.06
CA GLN A 373 -20.86 -0.13 -22.08
C GLN A 373 -21.42 0.04 -23.49
N ASP A 374 -20.60 -0.21 -24.50
CA ASP A 374 -21.00 -0.15 -25.90
C ASP A 374 -20.81 -1.46 -26.63
N LEU A 375 -19.70 -2.15 -26.38
CA LEU A 375 -19.56 -3.53 -26.85
C LEU A 375 -20.61 -4.42 -26.21
N PHE A 376 -20.69 -4.39 -24.88
CA PHE A 376 -21.61 -5.24 -24.14
C PHE A 376 -23.06 -4.81 -24.29
N SER A 377 -23.31 -3.64 -24.91
CA SER A 377 -24.69 -3.25 -25.17
C SER A 377 -25.33 -4.14 -26.23
N LYS A 378 -24.52 -4.65 -27.15
CA LYS A 378 -25.01 -5.51 -28.22
C LYS A 378 -24.59 -6.96 -28.05
N THR A 379 -24.21 -7.36 -26.84
CA THR A 379 -23.86 -8.75 -26.61
C THR A 379 -25.10 -9.63 -26.62
N GLN A 380 -24.88 -10.94 -26.73
CA GLN A 380 -25.95 -11.92 -26.77
C GLN A 380 -25.78 -12.89 -25.60
N ILE A 381 -26.84 -13.06 -24.82
CA ILE A 381 -26.81 -13.93 -23.66
C ILE A 381 -27.04 -15.38 -24.10
N LEU A 382 -27.12 -15.59 -25.40
CA LEU A 382 -27.17 -16.93 -25.96
C LEU A 382 -25.79 -17.51 -26.19
N TYR A 383 -24.74 -16.69 -26.11
CA TYR A 383 -23.36 -17.13 -26.23
C TYR A 383 -22.57 -16.99 -24.94
N VAL A 384 -22.90 -16.02 -24.09
CA VAL A 384 -22.19 -15.85 -22.83
C VAL A 384 -22.49 -17.01 -21.88
N VAL A 385 -23.69 -17.59 -22.00
CA VAL A 385 -24.05 -18.77 -21.20
C VAL A 385 -23.86 -20.06 -21.99
N LEU A 386 -23.33 -19.98 -23.20
CA LEU A 386 -23.02 -21.17 -23.98
C LEU A 386 -21.54 -21.47 -24.05
N TRP A 387 -20.68 -20.43 -24.11
CA TRP A 387 -19.25 -20.67 -24.02
C TRP A 387 -18.89 -21.23 -22.65
N LEU A 388 -19.67 -20.91 -21.61
CA LEU A 388 -19.47 -21.54 -20.31
C LEU A 388 -19.64 -23.06 -20.41
N LEU A 389 -20.72 -23.51 -21.05
CA LEU A 389 -20.95 -24.94 -21.17
C LEU A 389 -19.89 -25.60 -22.06
N CYS A 390 -19.43 -24.88 -23.09
CA CYS A 390 -18.39 -25.45 -23.95
C CYS A 390 -17.07 -25.58 -23.20
N VAL A 391 -16.70 -24.57 -22.41
CA VAL A 391 -15.50 -24.67 -21.58
C VAL A 391 -15.65 -25.78 -20.56
N ALA A 392 -16.84 -25.93 -19.99
CA ALA A 392 -17.07 -27.01 -19.02
C ALA A 392 -16.89 -28.38 -19.67
N PHE A 393 -17.44 -28.56 -20.87
CA PHE A 393 -17.29 -29.84 -21.56
C PHE A 393 -15.84 -30.11 -21.91
N THR A 394 -15.13 -29.08 -22.39
CA THR A 394 -13.71 -29.26 -22.71
C THR A 394 -12.91 -29.62 -21.47
N THR A 395 -13.20 -28.95 -20.35
CA THR A 395 -12.47 -29.24 -19.12
C THR A 395 -12.76 -30.63 -18.61
N PHE A 396 -14.03 -31.07 -18.67
CA PHE A 396 -14.36 -32.42 -18.22
C PHE A 396 -13.69 -33.47 -19.10
N LEU A 397 -13.70 -33.25 -20.42
CA LEU A 397 -13.06 -34.21 -21.32
C LEU A 397 -11.56 -34.26 -21.10
N CYS A 398 -10.93 -33.10 -20.88
CA CYS A 398 -9.49 -33.07 -20.61
C CYS A 398 -9.16 -33.76 -19.30
N LEU A 399 -9.98 -33.52 -18.26
CA LEU A 399 -9.75 -34.17 -16.98
C LEU A 399 -9.88 -35.68 -17.11
N TYR A 400 -10.91 -36.16 -17.81
CA TYR A 400 -11.07 -37.60 -17.99
C TYR A 400 -9.94 -38.19 -18.79
N GLY A 401 -9.50 -37.50 -19.85
CA GLY A 401 -8.39 -38.00 -20.63
C GLY A 401 -7.10 -38.07 -19.84
N MET A 402 -6.83 -37.05 -19.02
CA MET A 402 -5.64 -37.07 -18.20
C MET A 402 -5.70 -38.17 -17.14
N ILE A 403 -6.88 -38.36 -16.52
CA ILE A 403 -7.05 -39.44 -15.55
C ILE A 403 -6.81 -40.79 -16.21
N TRP A 404 -7.34 -40.98 -17.42
CA TRP A 404 -7.15 -42.25 -18.11
C TRP A 404 -5.69 -42.47 -18.48
N TYR A 405 -5.01 -41.43 -18.97
CA TYR A 405 -3.61 -41.57 -19.33
C TYR A 405 -2.75 -41.88 -18.10
N ALA A 406 -3.07 -41.28 -16.96
CA ALA A 406 -2.32 -41.57 -15.73
C ALA A 406 -2.64 -42.97 -15.21
N GLU A 407 -3.90 -43.40 -15.34
CA GLU A 407 -4.30 -44.70 -14.82
C GLU A 407 -3.71 -45.84 -15.62
N HIS A 408 -3.85 -45.79 -16.94
CA HIS A 408 -3.36 -46.88 -17.79
C HIS A 408 -1.87 -46.80 -18.07
N TYR A 409 -1.23 -45.68 -17.75
CA TYR A 409 0.21 -45.54 -17.94
C TYR A 409 0.85 -44.87 -16.73
N PRO B 40 -14.01 -19.19 7.20
CA PRO B 40 -13.80 -18.45 5.96
C PRO B 40 -13.64 -16.95 6.19
N HIS B 41 -12.47 -16.53 6.66
CA HIS B 41 -12.23 -15.11 6.91
C HIS B 41 -12.11 -14.34 5.60
N THR B 42 -11.13 -14.70 4.78
CA THR B 42 -10.89 -13.97 3.53
C THR B 42 -12.03 -14.18 2.55
N ILE B 43 -12.67 -15.36 2.58
CA ILE B 43 -13.74 -15.66 1.64
C ILE B 43 -14.93 -14.73 1.88
N THR B 44 -15.27 -14.51 3.14
CA THR B 44 -16.40 -13.64 3.45
C THR B 44 -16.00 -12.17 3.40
N LEU B 45 -14.74 -11.86 3.70
CA LEU B 45 -14.30 -10.48 3.76
C LEU B 45 -13.97 -9.89 2.39
N LEU B 46 -13.65 -10.73 1.41
CA LEU B 46 -13.25 -10.26 0.09
C LEU B 46 -14.27 -10.63 -0.98
N SER B 47 -15.51 -10.92 -0.58
CA SER B 47 -16.56 -11.20 -1.56
C SER B 47 -17.79 -10.36 -1.25
N PHE B 48 -17.97 -9.98 0.00
CA PHE B 48 -19.04 -9.05 0.36
C PHE B 48 -18.63 -7.62 0.06
N THR B 49 -17.42 -7.25 0.47
CA THR B 49 -16.94 -5.89 0.22
C THR B 49 -16.80 -5.61 -1.27
N ILE B 50 -16.44 -6.63 -2.06
CA ILE B 50 -16.33 -6.44 -3.50
C ILE B 50 -17.70 -6.18 -4.11
N VAL B 51 -18.73 -6.90 -3.63
CA VAL B 51 -20.08 -6.67 -4.12
C VAL B 51 -20.55 -5.27 -3.74
N SER B 52 -20.29 -4.85 -2.51
CA SER B 52 -20.65 -3.49 -2.10
C SER B 52 -19.91 -2.45 -2.95
N LEU B 53 -18.65 -2.73 -3.28
CA LEU B 53 -17.86 -1.80 -4.08
C LEU B 53 -18.44 -1.67 -5.48
N MET B 54 -18.72 -2.79 -6.14
CA MET B 54 -19.27 -2.70 -7.50
C MET B 54 -20.67 -2.08 -7.48
N TYR B 55 -21.47 -2.35 -6.44
CA TYR B 55 -22.77 -1.71 -6.32
C TYR B 55 -22.64 -0.20 -6.22
N PHE B 56 -21.79 0.28 -5.31
CA PHE B 56 -21.64 1.72 -5.13
C PHE B 56 -20.98 2.37 -6.34
N ALA B 57 -20.16 1.63 -7.07
CA ALA B 57 -19.53 2.19 -8.26
C ALA B 57 -20.51 2.34 -9.41
N PHE B 58 -21.36 1.34 -9.61
CA PHE B 58 -22.30 1.40 -10.74
C PHE B 58 -23.49 2.31 -10.43
N THR B 59 -23.99 2.30 -9.20
CA THR B 59 -25.23 3.01 -8.90
C THR B 59 -25.04 4.52 -8.89
N ARG B 60 -23.88 5.00 -8.48
CA ARG B 60 -23.68 6.43 -8.32
C ARG B 60 -23.37 7.10 -9.65
N ASP B 61 -23.32 8.43 -9.63
CA ASP B 61 -22.98 9.23 -10.79
C ASP B 61 -21.47 9.49 -10.85
N ASP B 62 -21.03 10.04 -11.98
CA ASP B 62 -19.61 10.25 -12.25
C ASP B 62 -19.33 11.63 -12.86
N SER B 63 -20.26 12.57 -12.73
CA SER B 63 -20.11 13.86 -13.40
C SER B 63 -19.03 14.72 -12.74
N VAL B 64 -19.12 14.89 -11.42
CA VAL B 64 -18.20 15.76 -10.68
C VAL B 64 -16.83 15.10 -10.57
N PRO B 65 -15.78 15.71 -11.14
CA PRO B 65 -14.47 15.04 -11.14
C PRO B 65 -13.80 14.99 -9.77
N GLU B 66 -13.83 16.09 -9.02
CA GLU B 66 -13.13 16.11 -7.74
C GLU B 66 -13.81 15.18 -6.74
N ASP B 67 -15.14 15.09 -6.78
CA ASP B 67 -15.83 14.12 -5.94
C ASP B 67 -15.46 12.70 -6.33
N ASN B 68 -15.28 12.45 -7.63
CA ASN B 68 -14.83 11.14 -8.07
C ASN B 68 -13.45 10.81 -7.50
N ILE B 69 -12.54 11.78 -7.54
CA ILE B 69 -11.20 11.54 -7.01
C ILE B 69 -11.24 11.30 -5.51
N TRP B 70 -12.11 12.03 -4.81
CA TRP B 70 -12.21 11.85 -3.36
C TRP B 70 -12.77 10.48 -3.02
N ARG B 71 -13.82 10.05 -3.72
CA ARG B 71 -14.37 8.72 -3.48
C ARG B 71 -13.36 7.64 -3.82
N GLY B 72 -12.57 7.84 -4.88
CA GLY B 72 -11.54 6.89 -5.21
C GLY B 72 -10.48 6.79 -4.12
N ILE B 73 -10.06 7.92 -3.57
CA ILE B 73 -9.08 7.92 -2.49
C ILE B 73 -9.64 7.19 -1.27
N LEU B 74 -10.89 7.47 -0.90
CA LEU B 74 -11.49 6.81 0.24
C LEU B 74 -11.58 5.29 0.03
N SER B 75 -11.97 4.86 -1.17
CA SER B 75 -12.09 3.43 -1.43
C SER B 75 -10.71 2.76 -1.44
N VAL B 76 -9.70 3.45 -1.97
CA VAL B 76 -8.36 2.89 -1.96
C VAL B 76 -7.87 2.71 -0.52
N ILE B 77 -8.14 3.69 0.34
CA ILE B 77 -7.73 3.58 1.74
C ILE B 77 -8.46 2.43 2.42
N PHE B 78 -9.77 2.31 2.16
CA PHE B 78 -10.55 1.24 2.79
C PHE B 78 -10.06 -0.14 2.35
N PHE B 79 -9.83 -0.32 1.06
CA PHE B 79 -9.38 -1.63 0.59
C PHE B 79 -7.94 -1.90 0.96
N PHE B 80 -7.12 -0.87 1.15
CA PHE B 80 -5.79 -1.10 1.69
C PHE B 80 -5.86 -1.54 3.14
N LEU B 81 -6.80 -1.01 3.91
CA LEU B 81 -6.99 -1.49 5.27
C LEU B 81 -7.46 -2.94 5.29
N ILE B 82 -8.32 -3.30 4.33
CA ILE B 82 -8.76 -4.70 4.24
C ILE B 82 -7.58 -5.61 3.90
N ILE B 83 -6.78 -5.22 2.90
CA ILE B 83 -5.59 -6.00 2.55
C ILE B 83 -4.64 -6.09 3.73
N SER B 84 -4.57 -5.03 4.53
CA SER B 84 -3.73 -5.05 5.73
C SER B 84 -4.24 -6.07 6.74
N VAL B 85 -5.55 -6.09 6.97
CA VAL B 85 -6.11 -7.08 7.88
C VAL B 85 -5.85 -8.48 7.37
N LEU B 86 -5.85 -8.66 6.04
CA LEU B 86 -5.68 -10.00 5.49
C LEU B 86 -4.24 -10.47 5.59
N ALA B 87 -3.28 -9.65 5.14
CA ALA B 87 -1.89 -10.07 5.03
C ALA B 87 -0.95 -9.01 5.61
N PHE B 88 -0.63 -9.15 6.90
CA PHE B 88 0.32 -8.30 7.61
C PHE B 88 0.60 -8.96 8.95
N PRO B 89 1.80 -8.78 9.51
CA PRO B 89 2.12 -9.42 10.80
C PRO B 89 1.21 -8.99 11.93
N ASN B 90 1.01 -9.87 12.92
CA ASN B 90 0.08 -9.59 14.00
C ASN B 90 0.60 -8.46 14.90
N GLY B 91 1.82 -8.62 15.42
CA GLY B 91 2.38 -7.65 16.32
C GLY B 91 2.45 -8.16 17.75
N PRO B 92 2.77 -7.26 18.69
CA PRO B 92 2.91 -7.68 20.09
C PRO B 92 1.62 -7.68 20.88
N PHE B 93 0.58 -6.99 20.40
CA PHE B 93 -0.69 -6.92 21.12
C PHE B 93 -1.68 -7.92 20.54
N THR B 94 -2.42 -8.59 21.44
CA THR B 94 -3.45 -9.52 21.01
C THR B 94 -4.70 -9.45 21.89
N ARG B 95 -4.81 -8.42 22.72
CA ARG B 95 -5.91 -8.37 23.67
C ARG B 95 -7.21 -7.90 23.06
N PRO B 96 -7.24 -6.72 22.51
CA PRO B 96 -8.53 -6.24 21.98
C PRO B 96 -8.98 -7.03 20.76
N HIS B 97 -8.10 -7.10 19.75
CA HIS B 97 -8.29 -7.91 18.57
C HIS B 97 -6.96 -7.93 17.80
N PRO B 98 -6.47 -9.09 17.38
CA PRO B 98 -5.23 -9.08 16.59
C PRO B 98 -5.38 -8.41 15.24
N ALA B 99 -6.61 -8.23 14.75
CA ALA B 99 -6.80 -7.59 13.46
C ALA B 99 -6.66 -6.07 13.55
N LEU B 100 -7.05 -5.48 14.67
CA LEU B 100 -6.96 -4.03 14.82
C LEU B 100 -5.53 -3.54 14.67
N TRP B 101 -4.57 -4.28 15.22
CA TRP B 101 -3.16 -3.94 15.11
C TRP B 101 -2.57 -4.34 13.77
N ARG B 102 -3.41 -4.72 12.81
CA ARG B 102 -3.05 -4.79 11.40
C ARG B 102 -3.58 -3.59 10.63
N MET B 103 -4.78 -3.12 10.97
CA MET B 103 -5.26 -1.85 10.44
C MET B 103 -4.34 -0.71 10.90
N VAL B 104 -3.80 -0.82 12.12
CA VAL B 104 -2.87 0.20 12.60
C VAL B 104 -1.58 0.18 11.78
N PHE B 105 -1.07 -1.01 11.48
CA PHE B 105 0.13 -1.10 10.64
C PHE B 105 -0.14 -0.59 9.24
N GLY B 106 -1.34 -0.86 8.72
CA GLY B 106 -1.70 -0.34 7.41
C GLY B 106 -1.75 1.18 7.38
N LEU B 107 -2.37 1.78 8.40
CA LEU B 107 -2.37 3.24 8.50
C LEU B 107 -0.96 3.80 8.62
N SER B 108 -0.09 3.10 9.37
CA SER B 108 1.29 3.54 9.51
C SER B 108 2.00 3.54 8.16
N VAL B 109 1.84 2.47 7.38
CA VAL B 109 2.47 2.40 6.07
C VAL B 109 1.91 3.47 5.15
N LEU B 110 0.59 3.72 5.23
CA LEU B 110 -0.01 4.76 4.41
C LEU B 110 0.59 6.12 4.72
N TYR B 111 0.74 6.44 6.01
CA TYR B 111 1.30 7.74 6.39
C TYR B 111 2.76 7.84 5.97
N PHE B 112 3.52 6.76 6.11
CA PHE B 112 4.92 6.77 5.69
C PHE B 112 5.03 7.03 4.19
N LEU B 113 4.20 6.36 3.38
CA LEU B 113 4.24 6.59 1.94
C LEU B 113 3.76 7.99 1.58
N PHE B 114 2.78 8.51 2.33
CA PHE B 114 2.31 9.86 2.09
C PHE B 114 3.40 10.88 2.34
N LEU B 115 4.21 10.67 3.39
CA LEU B 115 5.34 11.56 3.63
C LEU B 115 6.40 11.42 2.55
N VAL B 116 6.67 10.19 2.11
CA VAL B 116 7.64 9.98 1.02
C VAL B 116 7.20 10.73 -0.23
N PHE B 117 5.90 10.74 -0.51
CA PHE B 117 5.39 11.49 -1.65
C PHE B 117 5.52 13.00 -1.42
N LEU B 118 4.96 13.49 -0.30
CA LEU B 118 4.99 14.91 0.02
C LEU B 118 6.40 15.48 0.02
N LEU B 119 7.42 14.64 0.19
CA LEU B 119 8.79 15.12 0.15
C LEU B 119 9.23 15.63 -1.21
N PHE B 120 8.46 15.38 -2.28
CA PHE B 120 8.88 15.74 -3.62
C PHE B 120 8.16 16.96 -4.18
N LEU B 121 6.97 17.28 -3.70
CA LEU B 121 6.28 18.46 -4.17
C LEU B 121 6.99 19.72 -3.67
N ASN B 122 6.64 20.86 -4.27
CA ASN B 122 7.11 22.14 -3.78
C ASN B 122 6.08 22.73 -2.82
N PHE B 123 6.35 23.94 -2.34
CA PHE B 123 5.46 24.53 -1.34
C PHE B 123 4.09 24.85 -1.92
N GLU B 124 4.05 25.33 -3.18
CA GLU B 124 2.78 25.69 -3.79
C GLU B 124 1.88 24.48 -3.95
N GLN B 125 2.43 23.34 -4.35
CA GLN B 125 1.61 22.14 -4.54
C GLN B 125 1.10 21.62 -3.21
N VAL B 126 1.92 21.67 -2.16
CA VAL B 126 1.47 21.22 -0.84
C VAL B 126 0.36 22.13 -0.32
N LYS B 127 0.51 23.44 -0.53
CA LYS B 127 -0.53 24.37 -0.11
C LYS B 127 -1.81 24.15 -0.90
N SER B 128 -1.68 23.83 -2.19
CA SER B 128 -2.87 23.54 -3.00
C SER B 128 -3.56 22.27 -2.52
N LEU B 129 -2.79 21.25 -2.16
CA LEU B 129 -3.36 20.04 -1.60
C LEU B 129 -4.09 20.32 -0.29
N MET B 130 -3.49 21.15 0.56
CA MET B 130 -4.15 21.54 1.80
C MET B 130 -5.45 22.27 1.53
N TYR B 131 -5.45 23.19 0.56
CA TYR B 131 -6.67 23.92 0.23
C TYR B 131 -7.74 22.99 -0.32
N TRP B 132 -7.32 21.95 -1.07
CA TRP B 132 -8.28 20.98 -1.57
C TRP B 132 -8.87 20.14 -0.45
N LEU B 133 -8.04 19.75 0.53
CA LEU B 133 -8.56 19.01 1.67
C LEU B 133 -9.59 19.84 2.44
N ASP B 134 -9.30 21.12 2.66
CA ASP B 134 -10.24 22.02 3.32
C ASP B 134 -10.08 23.42 2.74
N PRO B 135 -11.06 23.93 2.01
CA PRO B 135 -10.91 25.27 1.42
C PRO B 135 -10.79 26.37 2.44
N ASN B 136 -11.37 26.20 3.63
CA ASN B 136 -11.31 27.23 4.66
C ASN B 136 -9.89 27.55 5.09
N LEU B 137 -8.95 26.63 4.86
CA LEU B 137 -7.54 26.90 5.17
C LEU B 137 -6.95 28.00 4.31
N ARG B 138 -7.66 28.44 3.27
CA ARG B 138 -7.15 29.52 2.43
C ARG B 138 -6.99 30.81 3.23
N TYR B 139 -7.89 31.05 4.18
CA TYR B 139 -7.85 32.24 5.03
C TYR B 139 -7.52 31.80 6.44
N ALA B 140 -6.24 31.79 6.78
CA ALA B 140 -5.79 31.36 8.10
C ALA B 140 -4.45 32.00 8.40
N THR B 141 -4.34 32.65 9.55
CA THR B 141 -3.13 33.33 9.97
C THR B 141 -2.44 32.54 11.07
N ARG B 142 -1.11 32.71 11.16
CA ARG B 142 -0.34 32.03 12.18
C ARG B 142 -0.69 32.57 13.56
N GLU B 143 -0.78 31.66 14.54
CA GLU B 143 -0.99 32.07 15.93
C GLU B 143 0.25 32.69 16.55
N ALA B 144 1.37 32.72 15.82
CA ALA B 144 2.62 33.26 16.34
C ALA B 144 3.10 34.51 15.60
N ASP B 145 2.60 34.76 14.40
CA ASP B 145 3.03 35.94 13.65
C ASP B 145 2.61 37.22 14.34
N VAL B 146 1.33 37.32 14.72
CA VAL B 146 0.80 38.47 15.42
C VAL B 146 0.22 37.96 16.74
N MET B 147 1.05 37.94 17.78
CA MET B 147 0.67 37.55 19.12
C MET B 147 1.84 37.81 20.05
N GLU B 148 1.54 38.15 21.30
CA GLU B 148 2.55 38.46 22.30
C GLU B 148 2.54 37.37 23.36
N TYR B 149 3.68 36.72 23.55
CA TYR B 149 3.84 35.67 24.55
C TYR B 149 4.86 36.10 25.59
N ALA B 150 4.79 35.45 26.75
CA ALA B 150 5.70 35.71 27.87
C ALA B 150 5.73 37.19 28.24
N VAL B 151 4.53 37.74 28.40
CA VAL B 151 4.37 39.13 28.82
C VAL B 151 4.73 39.23 30.29
N ASN B 152 4.86 40.46 30.79
CA ASN B 152 5.15 40.67 32.21
C ASN B 152 4.18 39.86 33.07
N CYS B 153 4.74 38.91 33.83
CA CYS B 153 3.96 37.89 34.51
C CYS B 153 4.15 38.02 36.01
N HIS B 154 3.36 38.89 36.63
CA HIS B 154 3.34 39.00 38.08
C HIS B 154 1.89 39.13 38.56
N VAL B 155 0.98 39.41 37.63
CA VAL B 155 -0.43 39.65 37.95
C VAL B 155 -1.09 38.35 38.39
N ILE B 156 -2.11 38.46 39.24
CA ILE B 156 -2.88 37.30 39.68
C ILE B 156 -4.37 37.43 39.41
N THR B 157 -4.83 38.52 38.78
CA THR B 157 -6.25 38.73 38.51
C THR B 157 -6.83 37.56 37.73
N TRP B 158 -8.06 37.19 38.06
CA TRP B 158 -8.71 36.03 37.45
C TRP B 158 -9.02 36.22 35.97
N GLU B 159 -8.73 37.40 35.41
CA GLU B 159 -9.02 37.63 33.99
C GLU B 159 -8.22 36.69 33.09
N ARG B 160 -7.00 36.35 33.51
CA ARG B 160 -6.10 35.54 32.70
C ARG B 160 -6.06 34.07 33.11
N ILE B 161 -6.27 33.78 34.39
CA ILE B 161 -6.05 32.42 34.89
C ILE B 161 -7.11 31.47 34.34
N ILE B 162 -8.38 31.88 34.37
CA ILE B 162 -9.45 30.97 33.97
C ILE B 162 -9.44 30.74 32.47
N SER B 163 -8.76 31.60 31.71
CA SER B 163 -8.71 31.50 30.25
C SER B 163 -7.42 30.75 29.88
N HIS B 164 -7.33 29.50 30.31
CA HIS B 164 -6.21 28.64 29.97
C HIS B 164 -6.70 27.27 29.51
N PHE B 165 -7.95 26.96 29.83
CA PHE B 165 -8.51 25.63 29.56
C PHE B 165 -9.13 25.55 28.18
N ASP B 166 -8.68 26.41 27.26
CA ASP B 166 -9.30 26.47 25.94
C ASP B 166 -8.88 25.27 25.08
N ILE B 167 -7.60 25.19 24.73
CA ILE B 167 -7.11 24.14 23.85
C ILE B 167 -5.94 23.41 24.49
N PHE B 168 -4.94 24.16 24.92
CA PHE B 168 -3.67 23.55 25.31
C PHE B 168 -3.76 22.84 26.66
N ALA B 169 -4.64 23.30 27.55
CA ALA B 169 -4.81 22.60 28.82
C ALA B 169 -5.50 21.25 28.63
N PHE B 170 -6.57 21.23 27.85
CA PHE B 170 -7.19 19.96 27.45
C PHE B 170 -6.18 19.06 26.78
N GLY B 171 -5.40 19.61 25.84
CA GLY B 171 -4.39 18.82 25.16
C GLY B 171 -3.39 18.21 26.11
N HIS B 172 -2.83 19.04 27.00
CA HIS B 172 -1.86 18.53 27.98
C HIS B 172 -2.45 17.42 28.82
N PHE B 173 -3.61 17.68 29.44
CA PHE B 173 -4.18 16.71 30.38
C PHE B 173 -4.50 15.39 29.70
N TRP B 174 -5.36 15.42 28.69
CA TRP B 174 -5.80 14.15 28.11
C TRP B 174 -4.74 13.52 27.22
N GLY B 175 -3.92 14.32 26.54
CA GLY B 175 -2.78 13.75 25.85
C GLY B 175 -1.81 13.06 26.79
N TRP B 176 -1.67 13.56 28.02
CA TRP B 176 -0.79 12.90 28.97
C TRP B 176 -1.44 11.67 29.59
N ALA B 177 -2.78 11.63 29.67
CA ALA B 177 -3.43 10.37 29.99
C ALA B 177 -3.13 9.32 28.92
N MET B 178 -3.23 9.70 27.65
CA MET B 178 -2.90 8.77 26.58
C MET B 178 -1.42 8.36 26.62
N LYS B 179 -0.54 9.31 26.91
CA LYS B 179 0.88 8.99 26.98
C LYS B 179 1.20 8.10 28.18
N ALA B 180 0.46 8.24 29.27
CA ALA B 180 0.67 7.34 30.40
C ALA B 180 0.14 5.95 30.08
N LEU B 181 -0.89 5.86 29.23
CA LEU B 181 -1.32 4.56 28.75
C LEU B 181 -0.29 3.94 27.81
N LEU B 182 0.43 4.78 27.05
CA LEU B 182 1.44 4.26 26.13
C LEU B 182 2.72 3.85 26.87
N ILE B 183 3.09 4.59 27.91
CA ILE B 183 4.37 4.40 28.59
C ILE B 183 4.22 3.50 29.82
N ARG B 184 3.15 3.70 30.59
CA ARG B 184 2.87 2.87 31.77
C ARG B 184 3.99 2.94 32.79
N SER B 185 4.30 4.14 33.26
CA SER B 185 5.30 4.35 34.28
C SER B 185 5.17 5.76 34.84
N TYR B 186 5.42 5.90 36.15
CA TYR B 186 5.47 7.23 36.73
C TYR B 186 6.83 7.87 36.50
N GLY B 187 7.89 7.08 36.45
CA GLY B 187 9.21 7.63 36.25
C GLY B 187 9.41 8.19 34.86
N LEU B 188 9.14 7.37 33.84
CA LEU B 188 9.41 7.81 32.47
C LEU B 188 8.44 8.90 32.05
N CYS B 189 7.18 8.83 32.48
CA CYS B 189 6.22 9.88 32.13
C CYS B 189 6.62 11.21 32.72
N TRP B 190 7.01 11.23 34.01
CA TRP B 190 7.44 12.48 34.61
C TRP B 190 8.74 12.97 33.99
N THR B 191 9.62 12.05 33.60
CA THR B 191 10.86 12.47 32.93
C THR B 191 10.56 13.13 31.60
N ILE B 192 9.60 12.60 30.84
CA ILE B 192 9.24 13.23 29.57
C ILE B 192 8.54 14.56 29.81
N SER B 193 7.70 14.64 30.85
CA SER B 193 7.02 15.89 31.15
C SER B 193 8.01 16.98 31.56
N ILE B 194 9.11 16.60 32.21
CA ILE B 194 10.10 17.57 32.60
C ILE B 194 11.01 17.92 31.41
N THR B 195 11.26 16.95 30.55
CA THR B 195 12.12 17.19 29.39
C THR B 195 11.44 18.05 28.34
N TRP B 196 10.11 17.96 28.23
CA TRP B 196 9.42 18.75 27.23
C TRP B 196 9.49 20.24 27.54
N GLU B 197 9.52 20.62 28.82
CA GLU B 197 9.67 22.03 29.14
C GLU B 197 11.06 22.54 28.76
N LEU B 198 12.09 21.71 28.95
CA LEU B 198 13.41 22.09 28.49
C LEU B 198 13.47 22.18 26.97
N THR B 199 12.75 21.31 26.27
CA THR B 199 12.70 21.39 24.81
C THR B 199 12.01 22.67 24.37
N GLU B 200 10.90 23.03 25.02
CA GLU B 200 10.24 24.29 24.70
C GLU B 200 11.15 25.48 24.97
N LEU B 201 11.92 25.44 26.06
CA LEU B 201 12.82 26.54 26.37
C LEU B 201 13.94 26.65 25.34
N PHE B 202 14.47 25.51 24.89
CA PHE B 202 15.60 25.56 23.97
C PHE B 202 15.16 25.93 22.56
N PHE B 203 13.99 25.45 22.11
CA PHE B 203 13.48 25.78 20.79
C PHE B 203 12.57 27.00 20.81
N MET B 204 12.80 27.93 21.72
CA MET B 204 11.99 29.12 21.85
C MET B 204 12.39 30.22 20.88
N HIS B 205 13.54 30.09 20.21
CA HIS B 205 14.01 31.11 19.28
C HIS B 205 13.52 30.89 17.85
N LEU B 206 13.00 29.70 17.54
CA LEU B 206 12.42 29.43 16.23
C LEU B 206 10.93 29.74 16.19
N LEU B 207 10.14 29.10 17.06
CA LEU B 207 8.71 29.34 17.16
C LEU B 207 8.45 30.15 18.40
N PRO B 208 8.28 31.47 18.30
CA PRO B 208 8.16 32.29 19.51
C PRO B 208 6.78 32.19 20.16
N ASN B 209 6.26 30.97 20.26
CA ASN B 209 5.08 30.68 21.05
C ASN B 209 5.32 29.67 22.15
N PHE B 210 6.46 28.97 22.12
CA PHE B 210 6.87 28.14 23.25
C PHE B 210 7.16 28.98 24.49
N ALA B 211 7.35 30.29 24.33
CA ALA B 211 7.63 31.15 25.46
C ALA B 211 6.45 31.17 26.42
N GLU B 212 6.69 30.71 27.64
CA GLU B 212 5.67 30.65 28.68
C GLU B 212 6.20 31.30 29.94
N CYS B 213 5.28 31.86 30.73
CA CYS B 213 5.63 32.42 32.02
C CYS B 213 6.24 31.33 32.91
N TRP B 214 7.29 31.67 33.65
CA TRP B 214 7.96 30.70 34.49
C TRP B 214 7.01 30.12 35.53
N TRP B 215 5.98 30.88 35.89
CA TRP B 215 5.00 30.40 36.85
C TRP B 215 3.87 29.68 36.13
N ASP B 216 4.03 29.48 34.82
CA ASP B 216 3.13 28.62 34.05
C ASP B 216 3.73 27.24 33.85
N GLN B 217 4.96 27.15 33.33
CA GLN B 217 5.58 25.86 33.09
C GLN B 217 5.68 25.04 34.36
N VAL B 218 6.25 25.60 35.43
CA VAL B 218 6.51 24.83 36.63
C VAL B 218 5.22 24.48 37.35
N ILE B 219 4.31 25.45 37.49
CA ILE B 219 3.08 25.19 38.25
C ILE B 219 2.10 24.39 37.41
N LEU B 220 1.55 25.00 36.36
CA LEU B 220 0.46 24.34 35.66
C LEU B 220 0.95 23.17 34.83
N ASP B 221 1.77 23.46 33.80
CA ASP B 221 2.12 22.45 32.80
C ASP B 221 2.78 21.23 33.43
N ILE B 222 3.49 21.41 34.55
CA ILE B 222 4.18 20.29 35.16
C ILE B 222 3.39 19.75 36.35
N LEU B 223 3.16 20.57 37.38
CA LEU B 223 2.63 20.03 38.61
C LEU B 223 1.16 19.66 38.50
N LEU B 224 0.38 20.36 37.69
CA LEU B 224 -1.06 20.11 37.65
C LEU B 224 -1.53 19.55 36.33
N CYS B 225 -1.30 20.28 35.23
CA CYS B 225 -1.96 19.97 33.96
C CYS B 225 -1.48 18.65 33.37
N ASN B 226 -0.30 18.21 33.80
CA ASN B 226 0.28 16.95 33.38
C ASN B 226 0.30 15.96 34.54
N GLY B 227 0.50 16.47 35.76
CA GLY B 227 0.51 15.61 36.94
C GLY B 227 -0.79 14.86 37.10
N GLY B 228 -1.92 15.61 37.07
CA GLY B 228 -3.20 14.95 37.13
C GLY B 228 -3.45 14.05 35.94
N GLY B 229 -2.93 14.42 34.78
CA GLY B 229 -3.10 13.58 33.59
C GLY B 229 -2.40 12.24 33.72
N ILE B 230 -1.15 12.26 34.21
CA ILE B 230 -0.41 11.02 34.43
C ILE B 230 -1.08 10.19 35.52
N TRP B 231 -1.51 10.85 36.60
CA TRP B 231 -2.20 10.13 37.67
C TRP B 231 -3.45 9.42 37.15
N LEU B 232 -4.26 10.14 36.37
CA LEU B 232 -5.48 9.54 35.84
C LEU B 232 -5.17 8.44 34.84
N GLY B 233 -4.19 8.66 33.96
CA GLY B 233 -3.85 7.64 32.98
C GLY B 233 -3.37 6.36 33.64
N MET B 234 -2.59 6.49 34.71
CA MET B 234 -2.08 5.31 35.40
C MET B 234 -3.19 4.64 36.23
N VAL B 235 -4.09 5.42 36.82
CA VAL B 235 -5.21 4.83 37.52
C VAL B 235 -6.10 4.05 36.55
N VAL B 236 -6.25 4.55 35.33
CA VAL B 236 -7.01 3.82 34.32
C VAL B 236 -6.26 2.56 33.88
N CYS B 237 -4.96 2.69 33.64
CA CYS B 237 -4.15 1.54 33.25
C CYS B 237 -4.13 0.46 34.32
N ARG B 238 -4.36 0.83 35.59
CA ARG B 238 -4.46 -0.17 36.65
C ARG B 238 -5.88 -0.74 36.74
N PHE B 239 -6.89 0.11 36.61
CA PHE B 239 -8.28 -0.35 36.63
C PHE B 239 -8.52 -1.37 35.53
N LEU B 240 -8.38 -0.96 34.28
CA LEU B 240 -8.36 -1.92 33.18
C LEU B 240 -7.14 -2.82 33.33
N GLU B 241 -7.33 -4.12 33.11
CA GLU B 241 -6.26 -5.07 33.37
C GLU B 241 -5.08 -5.07 32.41
N MET B 242 -4.16 -4.14 32.61
CA MET B 242 -3.00 -3.95 31.75
C MET B 242 -1.74 -4.33 32.51
N ARG B 243 -0.59 -4.10 31.88
CA ARG B 243 0.70 -4.33 32.50
C ARG B 243 1.27 -3.00 32.99
N THR B 244 2.51 -3.02 33.46
CA THR B 244 3.20 -1.80 33.86
C THR B 244 4.69 -2.01 33.63
N TYR B 245 5.21 -1.40 32.56
CA TYR B 245 6.60 -1.60 32.19
C TYR B 245 7.53 -1.08 33.28
N HIS B 246 8.80 -1.46 33.19
CA HIS B 246 9.77 -1.08 34.20
C HIS B 246 10.98 -0.34 33.67
N TRP B 247 11.52 -0.74 32.51
CA TRP B 247 12.72 -0.16 31.93
C TRP B 247 13.93 -0.25 32.86
N ALA B 248 13.92 -1.20 33.80
CA ALA B 248 15.03 -1.37 34.72
C ALA B 248 15.04 -2.78 35.31
N PHE B 284 24.08 -0.54 30.91
CA PHE B 284 24.27 -1.45 29.80
C PHE B 284 23.82 -0.83 28.49
N GLN B 285 23.09 -1.60 27.69
CA GLN B 285 22.52 -1.12 26.42
C GLN B 285 21.34 -0.20 26.63
N ARG B 286 20.78 -0.19 27.84
CA ARG B 286 19.63 0.66 28.16
C ARG B 286 20.02 2.14 28.29
N VAL B 287 21.28 2.40 28.62
CA VAL B 287 21.75 3.77 28.78
C VAL B 287 21.60 4.55 27.48
N ALA B 288 21.88 3.90 26.35
CA ALA B 288 21.72 4.52 25.04
C ALA B 288 20.35 4.25 24.44
N GLY B 289 19.74 3.10 24.75
CA GLY B 289 18.43 2.79 24.19
C GLY B 289 17.36 3.76 24.67
N VAL B 290 17.29 3.98 25.98
CA VAL B 290 16.30 4.90 26.53
C VAL B 290 16.59 6.32 26.06
N TYR B 291 17.86 6.66 25.85
CA TYR B 291 18.18 7.98 25.33
C TYR B 291 17.68 8.16 23.91
N LEU B 292 17.88 7.17 23.05
CA LEU B 292 17.35 7.24 21.69
C LEU B 292 15.82 7.29 21.71
N PHE B 293 15.20 6.54 22.62
CA PHE B 293 13.75 6.59 22.76
C PHE B 293 13.28 7.99 23.14
N MET B 294 13.98 8.63 24.09
CA MET B 294 13.63 9.98 24.50
C MET B 294 13.81 10.97 23.36
N ILE B 295 14.89 10.81 22.59
CA ILE B 295 15.12 11.72 21.46
C ILE B 295 14.01 11.59 20.43
N ILE B 296 13.63 10.35 20.10
CA ILE B 296 12.56 10.16 19.12
C ILE B 296 11.24 10.70 19.65
N TRP B 297 10.99 10.52 20.94
CA TRP B 297 9.75 11.03 21.54
C TRP B 297 9.68 12.54 21.45
N GLN B 298 10.78 13.22 21.82
CA GLN B 298 10.78 14.68 21.76
C GLN B 298 10.69 15.19 20.33
N LEU B 299 11.37 14.51 19.40
CA LEU B 299 11.29 14.92 18.00
C LEU B 299 9.88 14.78 17.46
N THR B 300 9.17 13.71 17.85
CA THR B 300 7.81 13.54 17.38
C THR B 300 6.86 14.52 18.04
N GLU B 301 7.10 14.88 19.30
CA GLU B 301 6.29 15.89 19.95
C GLU B 301 6.59 17.29 19.45
N LEU B 302 7.74 17.49 18.81
CA LEU B 302 8.10 18.80 18.27
C LEU B 302 7.70 18.97 16.81
N ASN B 303 7.65 17.87 16.05
CA ASN B 303 7.17 17.95 14.68
C ASN B 303 5.75 18.47 14.61
N THR B 304 4.97 18.29 15.67
CA THR B 304 3.62 18.83 15.70
C THR B 304 3.64 20.34 15.54
N PHE B 305 4.41 21.03 16.39
CA PHE B 305 4.48 22.49 16.30
C PHE B 305 5.22 22.93 15.05
N PHE B 306 6.21 22.16 14.60
CA PHE B 306 6.88 22.51 13.34
C PHE B 306 5.89 22.51 12.17
N LEU B 307 5.10 21.45 12.04
CA LEU B 307 4.11 21.38 10.98
C LEU B 307 3.06 22.47 11.13
N LYS B 308 2.61 22.71 12.37
CA LYS B 308 1.61 23.75 12.60
C LYS B 308 2.13 25.13 12.22
N HIS B 309 3.44 25.34 12.32
CA HIS B 309 3.99 26.66 12.01
C HIS B 309 4.40 26.81 10.55
N ILE B 310 4.84 25.73 9.90
CA ILE B 310 5.29 25.84 8.52
C ILE B 310 4.08 25.93 7.59
N PHE B 311 3.25 24.89 7.57
CA PHE B 311 1.96 24.91 6.88
C PHE B 311 0.88 25.51 7.75
N VAL B 312 0.61 26.81 7.62
CA VAL B 312 -0.18 27.54 8.60
C VAL B 312 -1.56 26.92 8.79
N PHE B 313 -1.89 26.59 10.03
CA PHE B 313 -3.25 26.32 10.49
C PHE B 313 -3.25 26.35 12.02
N GLN B 314 -4.41 26.07 12.60
CA GLN B 314 -4.59 26.18 14.04
C GLN B 314 -4.45 24.81 14.69
N ALA B 315 -4.38 24.80 16.02
CA ALA B 315 -4.32 23.56 16.77
C ALA B 315 -5.68 22.89 16.92
N SER B 316 -6.76 23.53 16.45
CA SER B 316 -8.10 22.95 16.51
C SER B 316 -8.54 22.38 15.18
N HIS B 317 -7.85 22.68 14.09
CA HIS B 317 -8.18 22.12 12.80
C HIS B 317 -8.01 20.60 12.84
N PRO B 318 -8.89 19.85 12.17
CA PRO B 318 -8.82 18.38 12.25
C PRO B 318 -7.46 17.80 11.91
N LEU B 319 -6.61 18.51 11.17
CA LEU B 319 -5.28 17.99 10.87
C LEU B 319 -4.47 17.79 12.14
N SER B 320 -4.47 18.79 13.03
CA SER B 320 -3.64 18.74 14.23
C SER B 320 -4.00 17.57 15.13
N TRP B 321 -5.23 17.57 15.66
CA TRP B 321 -5.60 16.50 16.59
C TRP B 321 -5.79 15.17 15.87
N GLY B 322 -6.08 15.18 14.57
CA GLY B 322 -6.10 13.94 13.82
C GLY B 322 -4.73 13.29 13.79
N ARG B 323 -3.69 14.07 13.49
CA ARG B 323 -2.33 13.54 13.52
C ARG B 323 -1.93 13.12 14.93
N ILE B 324 -2.39 13.86 15.94
CA ILE B 324 -2.05 13.50 17.32
C ILE B 324 -2.62 12.13 17.68
N LEU B 325 -3.92 11.93 17.40
CA LEU B 325 -4.53 10.64 17.70
C LEU B 325 -3.93 9.52 16.86
N PHE B 326 -3.63 9.81 15.59
CA PHE B 326 -2.99 8.80 14.74
C PHE B 326 -1.64 8.40 15.30
N ILE B 327 -0.84 9.37 15.76
CA ILE B 327 0.48 9.06 16.29
C ILE B 327 0.37 8.28 17.59
N GLY B 328 -0.62 8.62 18.42
CA GLY B 328 -0.85 7.82 19.62
C GLY B 328 -1.17 6.37 19.29
N GLY B 329 -2.07 6.16 18.31
CA GLY B 329 -2.40 4.81 17.90
C GLY B 329 -1.20 4.05 17.36
N ILE B 330 -0.41 4.70 16.50
CA ILE B 330 0.77 4.04 15.93
C ILE B 330 1.81 3.76 17.00
N THR B 331 1.86 4.60 18.03
CA THR B 331 2.89 4.46 19.07
C THR B 331 2.54 3.40 20.09
N ALA B 332 1.25 3.12 20.29
CA ALA B 332 0.85 2.09 21.25
C ALA B 332 1.56 0.76 21.06
N PRO B 333 1.74 0.21 19.84
CA PRO B 333 2.51 -1.04 19.71
C PRO B 333 4.01 -0.81 19.61
N THR B 334 4.42 0.38 19.16
CA THR B 334 5.83 0.67 19.01
C THR B 334 6.55 0.68 20.35
N VAL B 335 5.93 1.27 21.36
CA VAL B 335 6.55 1.30 22.69
C VAL B 335 6.65 -0.10 23.26
N ARG B 336 5.66 -0.95 23.00
CA ARG B 336 5.73 -2.33 23.48
C ARG B 336 6.84 -3.10 22.79
N GLN B 337 6.97 -2.94 21.47
CA GLN B 337 8.06 -3.63 20.77
C GLN B 337 9.42 -3.15 21.24
N TYR B 338 9.55 -1.85 21.49
CA TYR B 338 10.83 -1.33 21.96
C TYR B 338 11.13 -1.80 23.38
N TYR B 339 10.11 -1.87 24.23
CA TYR B 339 10.32 -2.40 25.57
C TYR B 339 10.70 -3.87 25.52
N ALA B 340 10.14 -4.62 24.56
CA ALA B 340 10.52 -6.01 24.40
C ALA B 340 11.97 -6.14 23.96
N TYR B 341 12.39 -5.34 22.98
CA TYR B 341 13.79 -5.36 22.57
C TYR B 341 14.70 -4.91 23.71
N LEU B 342 14.19 -4.09 24.62
CA LEU B 342 14.93 -3.70 25.82
C LEU B 342 14.85 -4.84 26.83
N THR B 343 15.16 -4.55 28.09
CA THR B 343 15.45 -5.60 29.07
C THR B 343 14.27 -6.55 29.25
N ASP B 344 14.39 -7.73 28.67
CA ASP B 344 13.46 -8.83 28.90
C ASP B 344 14.24 -10.13 29.09
N THR B 345 15.49 -10.14 28.62
CA THR B 345 16.32 -11.35 28.58
C THR B 345 15.64 -12.46 27.79
N GLN B 346 15.03 -12.06 26.67
CA GLN B 346 14.19 -12.94 25.87
C GLN B 346 14.11 -12.39 24.45
N CYS B 347 13.09 -12.81 23.70
CA CYS B 347 12.89 -12.38 22.31
C CYS B 347 13.24 -10.91 22.11
N LYS B 348 13.99 -10.64 21.06
CA LYS B 348 14.63 -9.36 20.81
C LYS B 348 14.60 -9.10 19.32
N ARG B 349 15.51 -8.23 18.84
CA ARG B 349 15.55 -7.85 17.43
C ARG B 349 14.23 -7.20 17.04
N VAL B 350 13.99 -6.01 17.59
CA VAL B 350 12.71 -5.32 17.49
C VAL B 350 12.17 -5.37 16.07
N GLY B 351 10.86 -5.59 15.96
CA GLY B 351 10.23 -5.88 14.69
C GLY B 351 10.18 -4.69 13.76
N THR B 352 9.22 -4.76 12.84
CA THR B 352 9.13 -3.77 11.76
C THR B 352 8.43 -2.50 12.20
N GLN B 353 7.40 -2.62 13.05
CA GLN B 353 6.59 -1.46 13.41
C GLN B 353 7.42 -0.36 14.05
N CYS B 354 8.40 -0.74 14.88
CA CYS B 354 9.25 0.27 15.51
C CYS B 354 10.09 1.01 14.49
N TRP B 355 10.65 0.29 13.51
CA TRP B 355 11.43 0.95 12.46
C TRP B 355 10.54 1.85 11.62
N VAL B 356 9.31 1.42 11.34
CA VAL B 356 8.40 2.24 10.55
C VAL B 356 8.05 3.51 11.30
N PHE B 357 7.87 3.42 12.62
CA PHE B 357 7.56 4.63 13.39
C PHE B 357 8.77 5.56 13.46
N GLY B 358 9.96 5.01 13.64
CA GLY B 358 11.16 5.84 13.62
C GLY B 358 11.33 6.56 12.29
N VAL B 359 11.07 5.84 11.19
CA VAL B 359 11.20 6.45 9.87
C VAL B 359 10.11 7.50 9.65
N ILE B 360 8.91 7.26 10.21
CA ILE B 360 7.85 8.27 10.10
C ILE B 360 8.27 9.56 10.81
N GLY B 361 8.82 9.43 12.02
CA GLY B 361 9.30 10.61 12.72
C GLY B 361 10.41 11.33 11.98
N PHE B 362 11.39 10.57 11.47
CA PHE B 362 12.48 11.17 10.72
C PHE B 362 11.97 11.87 9.46
N LEU B 363 10.98 11.28 8.79
CA LEU B 363 10.48 11.88 7.55
C LEU B 363 9.66 13.12 7.82
N GLU B 364 8.89 13.13 8.92
CA GLU B 364 8.23 14.37 9.32
C GLU B 364 9.25 15.47 9.58
N ALA B 365 10.34 15.13 10.29
CA ALA B 365 11.38 16.12 10.54
C ALA B 365 11.99 16.62 9.23
N ILE B 366 12.25 15.72 8.29
CA ILE B 366 12.86 16.11 7.02
C ILE B 366 11.93 16.99 6.21
N VAL B 367 10.64 16.64 6.18
CA VAL B 367 9.66 17.44 5.45
C VAL B 367 9.56 18.83 6.04
N CYS B 368 9.56 18.94 7.38
CA CYS B 368 9.56 20.26 8.01
C CYS B 368 10.81 21.05 7.63
N ILE B 369 11.98 20.42 7.69
CA ILE B 369 13.22 21.11 7.39
C ILE B 369 13.25 21.57 5.94
N LYS B 370 12.67 20.78 5.04
CA LYS B 370 12.68 21.13 3.62
C LYS B 370 11.70 22.26 3.32
N PHE B 371 10.44 22.12 3.75
CA PHE B 371 9.43 23.07 3.35
C PHE B 371 9.49 24.37 4.14
N GLY B 372 9.92 24.32 5.40
CA GLY B 372 10.04 25.56 6.13
C GLY B 372 11.18 26.42 5.64
N GLN B 373 12.41 25.99 5.91
CA GLN B 373 13.63 26.61 5.38
C GLN B 373 13.73 28.09 5.75
N ASP B 374 12.84 28.56 6.62
CA ASP B 374 12.85 29.93 7.11
C ASP B 374 13.01 30.00 8.62
N LEU B 375 12.32 29.13 9.36
CA LEU B 375 12.60 29.00 10.78
C LEU B 375 14.02 28.51 11.01
N PHE B 376 14.39 27.41 10.36
CA PHE B 376 15.71 26.83 10.53
C PHE B 376 16.81 27.64 9.88
N SER B 377 16.47 28.68 9.12
CA SER B 377 17.50 29.55 8.57
C SER B 377 18.15 30.39 9.67
N LYS B 378 17.40 30.70 10.72
CA LYS B 378 17.90 31.49 11.83
C LYS B 378 18.11 30.67 13.09
N THR B 379 18.20 29.34 12.97
CA THR B 379 18.45 28.51 14.14
C THR B 379 19.90 28.68 14.61
N GLN B 380 20.15 28.21 15.83
CA GLN B 380 21.47 28.29 16.44
C GLN B 380 21.95 26.88 16.77
N ILE B 381 23.15 26.54 16.31
CA ILE B 381 23.73 25.22 16.53
C ILE B 381 24.36 25.16 17.92
N LEU B 382 24.21 26.24 18.68
CA LEU B 382 24.62 26.26 20.07
C LEU B 382 23.54 25.73 21.00
N TYR B 383 22.32 25.57 20.50
CA TYR B 383 21.21 25.00 21.26
C TYR B 383 20.75 23.65 20.73
N VAL B 384 20.88 23.40 19.43
CA VAL B 384 20.48 22.11 18.88
C VAL B 384 21.40 21.01 19.36
N VAL B 385 22.66 21.33 19.64
CA VAL B 385 23.61 20.37 20.18
C VAL B 385 23.75 20.50 21.69
N LEU B 386 22.96 21.37 22.32
CA LEU B 386 22.93 21.50 23.77
C LEU B 386 21.69 20.91 24.40
N TRP B 387 20.54 21.00 23.75
CA TRP B 387 19.36 20.30 24.24
C TRP B 387 19.55 18.79 24.17
N LEU B 388 20.38 18.32 23.24
CA LEU B 388 20.75 16.91 23.23
C LEU B 388 21.44 16.51 24.52
N LEU B 389 22.43 17.30 24.96
CA LEU B 389 23.13 16.98 26.19
C LEU B 389 22.22 17.11 27.40
N CYS B 390 21.30 18.08 27.38
CA CYS B 390 20.37 18.22 28.49
C CYS B 390 19.41 17.03 28.58
N VAL B 391 18.90 16.59 27.44
CA VAL B 391 18.04 15.41 27.42
C VAL B 391 18.82 14.18 27.87
N ALA B 392 20.09 14.08 27.45
CA ALA B 392 20.91 12.95 27.88
C ALA B 392 21.11 12.95 29.39
N PHE B 393 21.40 14.12 29.97
CA PHE B 393 21.58 14.19 31.42
C PHE B 393 20.29 13.86 32.15
N THR B 394 19.16 14.37 31.66
CA THR B 394 17.87 14.07 32.30
C THR B 394 17.57 12.57 32.21
N THR B 395 17.85 11.95 31.06
CA THR B 395 17.59 10.53 30.91
C THR B 395 18.49 9.69 31.81
N PHE B 396 19.77 10.06 31.91
CA PHE B 396 20.68 9.32 32.77
C PHE B 396 20.27 9.45 34.23
N LEU B 397 19.88 10.66 34.66
CA LEU B 397 19.46 10.85 36.04
C LEU B 397 18.17 10.08 36.33
N CYS B 398 17.23 10.08 35.38
CA CYS B 398 15.99 9.32 35.57
C CYS B 398 16.26 7.84 35.64
N LEU B 399 17.14 7.33 34.77
CA LEU B 399 17.48 5.91 34.79
C LEU B 399 18.12 5.53 36.11
N TYR B 400 19.07 6.34 36.60
CA TYR B 400 19.71 6.04 37.87
C TYR B 400 18.71 6.10 39.03
N GLY B 401 17.82 7.08 39.02
CA GLY B 401 16.82 7.17 40.07
C GLY B 401 15.87 5.99 40.07
N MET B 402 15.46 5.55 38.88
CA MET B 402 14.58 4.39 38.79
C MET B 402 15.30 3.11 39.23
N ILE B 403 16.56 2.96 38.84
CA ILE B 403 17.34 1.81 39.27
C ILE B 403 17.48 1.80 40.79
N TRP B 404 17.75 2.96 41.39
CA TRP B 404 17.89 3.03 42.84
C TRP B 404 16.57 2.72 43.54
N TYR B 405 15.46 3.25 43.03
CA TYR B 405 14.16 2.99 43.64
C TYR B 405 13.80 1.52 43.56
N ALA B 406 14.13 0.87 42.43
CA ALA B 406 13.85 -0.56 42.30
C ALA B 406 14.78 -1.39 43.17
N GLU B 407 16.04 -0.96 43.31
CA GLU B 407 17.00 -1.73 44.08
C GLU B 407 16.71 -1.67 45.57
N HIS B 408 16.50 -0.47 46.11
CA HIS B 408 16.29 -0.32 47.53
C HIS B 408 14.84 -0.60 47.94
N TYR B 409 13.92 -0.72 46.99
CA TYR B 409 12.53 -1.04 47.29
C TYR B 409 11.99 -2.06 46.32
CA CA C . -6.43 -17.62 -32.28
CA CA D . 4.77 23.73 28.43
#